data_4YJJ
#
_entry.id   4YJJ
#
_cell.length_a   102.354
_cell.length_b   102.354
_cell.length_c   109.021
_cell.angle_alpha   90.000
_cell.angle_beta   90.000
_cell.angle_gamma   120.000
#
_symmetry.space_group_name_H-M   'P 63'
#
loop_
_entity.id
_entity.type
_entity.pdbx_description
1 polymer 'Alpha Subunit of Cyanobacterial Phycocyanine protein'
2 polymer 'Beta Subunit of Cyanobacterial Phycocyanine protein'
3 non-polymer PHYCOCYANOBILIN
4 water water
#
loop_
_entity_poly.entity_id
_entity_poly.type
_entity_poly.pdbx_seq_one_letter_code
_entity_poly.pdbx_strand_id
1 'polypeptide(L)'
;MKTPLTEAVAVADSQGRFLSSTEVQTAFGRFRQAGASLAAAKGLTEKASSLTSGAAQAVYNKFPYTTQMQGPNYAATQTG
KDKCVRDIGYYLRMVTYCLVVGGTGPMDDYLIGGLAEINKTFELSPSWYIEALKYIKANHGLSGDPAVEANSYLDYAINA
LS
;
A,C
2 'polypeptide(L)'
;MFDAFTKVVSQADARGAYLTTDQIDALTALVSDGNKRMDVVNRITSNSSKIVADAARSLFAEQPQLIAPGG(MEN)AYTS
RRMAACLRDMEIILRYVTYAIFSGDASVLDDRCLNGLRETYIALGTPGASVAVGVEKMKQAALAIAGDTSGITPGDCASI
MSEVASYFDRAAAAVA
;
B,D
#
loop_
_chem_comp.id
_chem_comp.type
_chem_comp.name
_chem_comp.formula
CYC non-polymer PHYCOCYANOBILIN 'C33 H40 N4 O6'
#
# COMPACT_ATOMS: atom_id res chain seq x y z
N MET A 1 10.55 2.73 -7.83
CA MET A 1 11.23 2.96 -6.53
C MET A 1 10.22 2.92 -5.36
N LYS A 2 10.32 1.86 -4.57
CA LYS A 2 9.34 1.58 -3.57
C LYS A 2 9.34 2.53 -2.36
N THR A 3 8.24 3.29 -2.30
CA THR A 3 7.84 4.03 -1.13
C THR A 3 6.39 3.63 -0.83
N PRO A 4 5.83 4.10 0.29
CA PRO A 4 4.42 3.81 0.57
C PRO A 4 3.49 4.33 -0.50
N LEU A 5 3.77 5.52 -0.99
CA LEU A 5 2.88 6.18 -1.95
C LEU A 5 2.98 5.53 -3.35
N THR A 6 4.18 5.13 -3.78
CA THR A 6 4.34 4.52 -5.11
C THR A 6 3.80 3.09 -5.13
N GLU A 7 3.90 2.41 -3.98
CA GLU A 7 3.37 1.05 -3.83
C GLU A 7 1.85 1.04 -3.92
N ALA A 8 1.22 2.05 -3.30
CA ALA A 8 -0.22 2.21 -3.36
C ALA A 8 -0.73 2.48 -4.79
N VAL A 9 -0.02 3.37 -5.51
CA VAL A 9 -0.36 3.72 -6.88
C VAL A 9 -0.14 2.54 -7.81
N ALA A 10 0.97 1.82 -7.62
CA ALA A 10 1.37 0.73 -8.52
C ALA A 10 0.32 -0.34 -8.56
N VAL A 11 -0.17 -0.65 -7.37
CA VAL A 11 -1.07 -1.73 -7.16
C VAL A 11 -2.47 -1.42 -7.62
N ALA A 12 -2.93 -0.20 -7.37
CA ALA A 12 -4.23 0.25 -7.92
C ALA A 12 -4.18 0.26 -9.44
N ASP A 13 -3.04 0.69 -10.00
CA ASP A 13 -2.83 0.73 -11.44
C ASP A 13 -2.85 -0.71 -11.99
N SER A 14 -2.35 -1.66 -11.18
CA SER A 14 -2.41 -3.08 -11.54
C SER A 14 -3.82 -3.49 -11.82
N GLN A 15 -4.72 -2.97 -10.99
CA GLN A 15 -6.14 -3.31 -11.05
C GLN A 15 -6.94 -2.31 -11.84
N GLY A 16 -6.27 -1.31 -12.41
CA GLY A 16 -6.94 -0.29 -13.22
C GLY A 16 -7.90 0.55 -12.40
N ARG A 17 -7.53 0.78 -11.14
CA ARG A 17 -8.42 1.46 -10.20
C ARG A 17 -7.92 2.82 -9.87
N PHE A 18 -8.86 3.72 -9.69
CA PHE A 18 -8.63 4.96 -8.99
C PHE A 18 -8.20 4.69 -7.55
N LEU A 19 -7.45 5.63 -7.00
CA LEU A 19 -7.12 5.62 -5.59
C LEU A 19 -8.40 5.76 -4.81
N SER A 20 -8.54 4.95 -3.77
CA SER A 20 -9.68 4.98 -2.90
C SER A 20 -9.19 5.39 -1.54
N SER A 21 -10.05 5.23 -0.55
CA SER A 21 -9.75 5.61 0.83
C SER A 21 -8.57 4.81 1.39
N THR A 22 -8.49 3.56 0.97
CA THR A 22 -7.41 2.69 1.35
C THR A 22 -6.06 3.38 1.12
N GLU A 23 -5.87 3.93 -0.07
CA GLU A 23 -4.59 4.49 -0.42
C GLU A 23 -4.35 5.83 0.22
N VAL A 24 -5.42 6.58 0.48
CA VAL A 24 -5.27 7.88 1.13
C VAL A 24 -4.80 7.69 2.59
N GLN A 25 -5.21 6.58 3.21
CA GLN A 25 -4.66 6.18 4.53
C GLN A 25 -3.16 5.86 4.46
N THR A 26 -2.72 5.35 3.33
CA THR A 26 -1.30 5.10 3.12
C THR A 26 -0.52 6.40 3.15
N ALA A 27 -1.05 7.41 2.47
CA ALA A 27 -0.47 8.73 2.47
C ALA A 27 -0.50 9.31 3.87
N PHE A 28 -1.56 9.05 4.62
CA PHE A 28 -1.64 9.56 5.96
C PHE A 28 -0.46 9.02 6.78
N GLY A 29 -0.16 7.73 6.66
CA GLY A 29 0.92 7.10 7.41
C GLY A 29 2.30 7.60 7.01
N ARG A 30 2.48 7.81 5.72
CA ARG A 30 3.71 8.41 5.20
C ARG A 30 3.95 9.77 5.83
N PHE A 31 2.91 10.58 5.92
CA PHE A 31 3.05 11.90 6.50
C PHE A 31 3.31 11.85 7.99
N ARG A 32 2.72 10.87 8.65
CA ARG A 32 2.94 10.68 10.07
C ARG A 32 4.41 10.39 10.36
N GLN A 33 4.99 9.52 9.54
CA GLN A 33 6.36 9.03 9.75
C GLN A 33 7.41 10.01 9.24
N ALA A 34 7.03 10.87 8.30
CA ALA A 34 8.01 11.64 7.54
C ALA A 34 8.92 12.59 8.33
N GLY A 35 8.38 13.28 9.33
CA GLY A 35 9.21 14.01 10.32
C GLY A 35 10.36 13.14 10.82
N ALA A 36 10.05 12.01 11.43
CA ALA A 36 11.09 11.12 11.95
C ALA A 36 12.14 10.74 10.91
N SER A 37 11.66 10.35 9.73
CA SER A 37 12.50 9.94 8.60
C SER A 37 13.44 11.03 8.09
N LEU A 38 12.89 12.23 7.93
CA LEU A 38 13.66 13.36 7.44
C LEU A 38 14.63 13.87 8.50
N ALA A 39 14.25 13.78 9.77
CA ALA A 39 15.19 14.13 10.86
C ALA A 39 16.38 13.16 10.85
N ALA A 40 16.09 11.87 10.72
CA ALA A 40 17.12 10.83 10.72
C ALA A 40 18.10 10.99 9.57
N ALA A 41 17.60 11.37 8.39
CA ALA A 41 18.46 11.49 7.21
C ALA A 41 19.42 12.63 7.40
N LYS A 42 18.93 13.74 7.95
CA LYS A 42 19.74 14.93 8.28
C LYS A 42 20.79 14.68 9.36
N GLY A 43 20.43 13.89 10.37
CA GLY A 43 21.34 13.50 11.45
C GLY A 43 22.50 12.67 10.92
N LEU A 44 22.18 11.73 10.04
CA LEU A 44 23.18 10.84 9.47
C LEU A 44 24.11 11.57 8.50
N THR A 45 23.51 12.50 7.76
CA THR A 45 24.24 13.23 6.78
C THR A 45 25.29 14.10 7.42
N GLU A 46 24.89 14.77 8.50
CA GLU A 46 25.76 15.76 9.11
C GLU A 46 26.91 15.07 9.85
N LYS A 47 26.71 13.83 10.28
CA LYS A 47 27.77 13.04 10.91
C LYS A 47 28.36 11.95 9.99
N ALA A 48 28.22 12.14 8.68
CA ALA A 48 28.61 11.09 7.73
C ALA A 48 30.09 10.70 7.77
N SER A 49 31.01 11.67 7.82
CA SER A 49 32.45 11.36 7.86
C SER A 49 32.86 10.50 9.07
N SER A 50 32.30 10.78 10.23
CA SER A 50 32.72 10.05 11.40
C SER A 50 32.22 8.61 11.41
N LEU A 51 30.94 8.45 11.09
CA LEU A 51 30.31 7.12 10.99
C LEU A 51 30.99 6.24 9.97
N THR A 52 31.19 6.80 8.79
CA THR A 52 31.77 6.07 7.67
C THR A 52 33.19 5.63 8.01
N SER A 53 33.99 6.59 8.50
CA SER A 53 35.40 6.29 8.85
C SER A 53 35.45 5.44 10.09
N GLY A 54 34.52 5.66 11.01
CA GLY A 54 34.41 4.79 12.18
C GLY A 54 34.05 3.35 11.84
N ALA A 55 33.16 3.17 10.86
CA ALA A 55 32.66 1.86 10.44
C ALA A 55 33.72 1.10 9.67
N ALA A 56 34.43 1.81 8.81
CA ALA A 56 35.58 1.25 8.10
C ALA A 56 36.60 0.73 9.10
N GLN A 57 36.91 1.55 10.10
CA GLN A 57 37.87 1.20 11.12
C GLN A 57 37.42 -0.02 11.90
N ALA A 58 36.11 -0.13 12.09
CA ALA A 58 35.52 -1.24 12.81
C ALA A 58 35.65 -2.52 12.00
N VAL A 59 35.59 -2.42 10.69
CA VAL A 59 35.76 -3.60 9.85
C VAL A 59 37.21 -4.07 9.87
N TYR A 60 38.14 -3.14 9.77
CA TYR A 60 39.58 -3.46 9.86
C TYR A 60 39.95 -4.09 11.19
N ASN A 61 39.32 -3.59 12.28
CA ASN A 61 39.58 -4.12 13.62
C ASN A 61 39.10 -5.56 13.73
N LYS A 62 37.88 -5.79 13.27
CA LYS A 62 37.30 -7.12 13.28
C LYS A 62 38.01 -8.07 12.33
N PHE A 63 38.43 -7.56 11.18
CA PHE A 63 39.09 -8.39 10.16
C PHE A 63 40.48 -7.82 9.78
N PRO A 64 41.50 -8.11 10.60
CA PRO A 64 42.78 -7.43 10.42
C PRO A 64 43.47 -7.74 9.09
N TYR A 65 43.33 -8.98 8.62
CA TYR A 65 43.90 -9.46 7.36
C TYR A 65 43.48 -8.61 6.16
N THR A 66 42.32 -7.94 6.27
CA THR A 66 41.84 -7.07 5.20
C THR A 66 42.74 -5.87 4.94
N THR A 67 43.62 -5.53 5.88
CA THR A 67 44.56 -4.43 5.67
C THR A 67 45.97 -4.94 5.35
N GLN A 68 46.20 -6.24 5.50
CA GLN A 68 47.52 -6.80 5.22
C GLN A 68 47.56 -7.55 3.91
N MET A 69 46.49 -8.28 3.62
CA MET A 69 46.55 -9.26 2.59
C MET A 69 46.70 -8.63 1.19
N GLN A 70 47.38 -9.37 0.32
CA GLN A 70 47.67 -8.93 -1.03
C GLN A 70 46.41 -9.11 -1.85
N GLY A 71 46.05 -8.10 -2.63
CA GLY A 71 44.90 -8.21 -3.55
C GLY A 71 44.18 -6.89 -3.74
N PRO A 72 43.74 -6.58 -4.98
CA PRO A 72 42.92 -5.38 -5.17
C PRO A 72 41.60 -5.46 -4.40
N ASN A 73 41.14 -6.65 -4.04
CA ASN A 73 39.96 -6.75 -3.17
C ASN A 73 40.16 -6.35 -1.67
N TYR A 74 41.41 -6.17 -1.24
CA TYR A 74 41.69 -5.83 0.17
C TYR A 74 42.09 -4.36 0.37
N ALA A 75 42.03 -3.88 1.61
CA ALA A 75 42.41 -2.52 1.97
C ALA A 75 43.89 -2.44 2.34
N ALA A 76 44.71 -3.19 1.63
CA ALA A 76 46.12 -3.36 1.94
C ALA A 76 46.96 -2.24 1.33
N THR A 77 46.28 -1.35 0.62
CA THR A 77 46.87 -0.24 -0.11
C THR A 77 46.12 1.03 0.25
N GLN A 78 46.79 2.16 0.02
CA GLN A 78 46.16 3.46 0.18
C GLN A 78 44.82 3.52 -0.57
N THR A 79 44.84 3.09 -1.83
CA THR A 79 43.66 3.12 -2.71
C THR A 79 42.58 2.17 -2.25
N GLY A 80 42.99 0.99 -1.79
CA GLY A 80 42.05 -0.03 -1.38
C GLY A 80 41.25 0.44 -0.18
N LYS A 81 41.92 1.14 0.73
CA LYS A 81 41.25 1.73 1.88
C LYS A 81 40.26 2.78 1.44
N ASP A 82 40.62 3.55 0.41
CA ASP A 82 39.78 4.58 -0.15
C ASP A 82 38.49 3.98 -0.69
N LYS A 83 38.61 2.87 -1.42
CA LYS A 83 37.46 2.17 -2.00
C LYS A 83 36.46 1.69 -0.94
N CYS A 84 37.02 1.15 0.12
CA CYS A 84 36.25 0.54 1.16
C CYS A 84 35.34 1.55 1.88
N VAL A 85 35.94 2.67 2.27
CA VAL A 85 35.22 3.72 2.94
C VAL A 85 34.18 4.29 1.99
N ARG A 86 34.51 4.26 0.71
CA ARG A 86 33.59 4.72 -0.29
C ARG A 86 32.35 3.85 -0.36
N ASP A 87 32.54 2.53 -0.29
CA ASP A 87 31.39 1.61 -0.32
C ASP A 87 30.55 1.83 0.92
N ILE A 88 31.21 1.96 2.06
CA ILE A 88 30.53 2.21 3.34
C ILE A 88 29.77 3.51 3.27
N GLY A 89 30.34 4.52 2.64
CA GLY A 89 29.60 5.77 2.41
C GLY A 89 28.35 5.57 1.53
N TYR A 90 28.49 4.73 0.51
CA TYR A 90 27.38 4.43 -0.38
C TYR A 90 26.29 3.82 0.44
N TYR A 91 26.64 2.89 1.31
CA TYR A 91 25.65 2.26 2.18
C TYR A 91 24.90 3.28 3.02
N LEU A 92 25.67 4.13 3.69
CA LEU A 92 25.07 5.15 4.55
C LEU A 92 24.23 6.12 3.71
N ARG A 93 24.76 6.53 2.58
CA ARG A 93 24.01 7.43 1.71
C ARG A 93 22.67 6.80 1.34
N MET A 94 22.69 5.50 1.03
CA MET A 94 21.45 4.77 0.73
C MET A 94 20.49 4.75 1.93
N VAL A 95 21.04 4.51 3.11
CA VAL A 95 20.18 4.49 4.31
C VAL A 95 19.44 5.84 4.47
N THR A 96 20.17 6.94 4.28
CA THR A 96 19.54 8.29 4.27
C THR A 96 18.44 8.41 3.18
N TYR A 97 18.69 7.84 2.01
CA TYR A 97 17.76 7.94 0.91
C TYR A 97 16.48 7.22 1.24
N CYS A 98 16.61 6.03 1.82
CA CYS A 98 15.44 5.28 2.27
C CYS A 98 14.66 6.05 3.30
N LEU A 99 15.36 6.74 4.19
CA LEU A 99 14.72 7.54 5.23
C LEU A 99 13.94 8.71 4.64
N VAL A 100 14.55 9.42 3.70
CA VAL A 100 13.90 10.49 2.95
C VAL A 100 12.68 9.96 2.20
N VAL A 101 12.87 8.78 1.66
CA VAL A 101 11.87 8.10 0.85
C VAL A 101 10.73 7.43 1.66
N GLY A 102 11.01 7.02 2.90
CA GLY A 102 10.02 6.25 3.68
C GLY A 102 9.91 4.82 3.17
N GLY A 103 11.01 4.32 2.62
CA GLY A 103 11.01 2.99 2.04
C GLY A 103 12.40 2.54 1.61
N THR A 104 12.51 1.24 1.39
CA THR A 104 13.74 0.60 0.96
C THR A 104 14.07 0.81 -0.51
N GLY A 105 13.17 1.44 -1.26
CA GLY A 105 13.32 1.64 -2.71
C GLY A 105 14.70 2.09 -3.18
N PRO A 106 15.23 3.16 -2.60
CA PRO A 106 16.49 3.65 -3.07
C PRO A 106 17.58 2.59 -2.93
N MET A 107 17.56 1.84 -1.84
CA MET A 107 18.58 0.86 -1.61
C MET A 107 18.45 -0.31 -2.57
N ASP A 108 17.21 -0.67 -2.83
CA ASP A 108 16.92 -1.79 -3.69
C ASP A 108 17.41 -1.49 -5.06
N ASP A 109 17.10 -0.28 -5.54
CA ASP A 109 17.39 0.09 -6.92
C ASP A 109 18.86 0.41 -7.13
N TYR A 110 19.49 1.01 -6.13
CA TYR A 110 20.84 1.55 -6.30
C TYR A 110 21.95 0.69 -5.77
N LEU A 111 21.66 -0.13 -4.76
CA LEU A 111 22.68 -0.90 -4.07
C LEU A 111 22.39 -2.39 -4.14
N ILE A 112 21.17 -2.81 -3.79
CA ILE A 112 20.94 -4.24 -3.57
C ILE A 112 20.83 -5.04 -4.85
N GLY A 113 20.20 -4.49 -5.88
CA GLY A 113 20.12 -5.16 -7.19
C GLY A 113 21.50 -5.43 -7.79
N GLY A 114 21.93 -6.69 -7.80
CA GLY A 114 23.21 -7.06 -8.42
C GLY A 114 24.42 -7.06 -7.48
N LEU A 115 24.15 -6.76 -6.20
CA LEU A 115 25.19 -6.70 -5.20
C LEU A 115 25.97 -8.00 -5.07
N ALA A 116 25.21 -9.09 -5.05
CA ALA A 116 25.78 -10.42 -4.87
C ALA A 116 26.79 -10.75 -5.97
N GLU A 117 26.51 -10.29 -7.19
CA GLU A 117 27.42 -10.48 -8.30
C GLU A 117 28.66 -9.67 -8.07
N ILE A 118 28.47 -8.44 -7.60
CA ILE A 118 29.60 -7.55 -7.37
C ILE A 118 30.55 -8.12 -6.34
N ASN A 119 29.96 -8.58 -5.24
CA ASN A 119 30.73 -9.12 -4.13
C ASN A 119 31.42 -10.41 -4.52
N LYS A 120 30.75 -11.23 -5.31
CA LYS A 120 31.35 -12.49 -5.78
C LYS A 120 32.46 -12.19 -6.72
N THR A 121 32.19 -11.32 -7.68
CA THR A 121 33.14 -10.99 -8.75
C THR A 121 34.37 -10.23 -8.29
N PHE A 122 34.20 -9.33 -7.31
CA PHE A 122 35.36 -8.63 -6.76
C PHE A 122 35.89 -9.26 -5.45
N GLU A 123 35.33 -10.40 -5.06
CA GLU A 123 35.83 -11.18 -3.91
C GLU A 123 35.77 -10.41 -2.60
N LEU A 124 34.64 -9.71 -2.43
CA LEU A 124 34.38 -8.88 -1.26
C LEU A 124 33.47 -9.67 -0.36
N SER A 125 33.75 -9.66 0.93
CA SER A 125 33.01 -10.47 1.88
C SER A 125 31.83 -9.70 2.42
N PRO A 126 30.63 -10.25 2.25
CA PRO A 126 29.41 -9.68 2.82
C PRO A 126 29.57 -9.36 4.29
N SER A 127 30.35 -10.19 4.98
CA SER A 127 30.54 -10.08 6.42
C SER A 127 31.27 -8.78 6.85
N TRP A 128 32.10 -8.25 5.95
CA TRP A 128 32.73 -6.91 6.13
C TRP A 128 31.66 -5.82 6.25
N TYR A 129 30.74 -5.83 5.28
CA TYR A 129 29.74 -4.76 5.20
C TYR A 129 28.74 -4.89 6.28
N ILE A 130 28.46 -6.14 6.66
CA ILE A 130 27.55 -6.43 7.76
C ILE A 130 28.05 -5.78 9.06
N GLU A 131 29.37 -5.84 9.26
CA GLU A 131 29.97 -5.31 10.49
C GLU A 131 29.79 -3.80 10.52
N ALA A 132 30.09 -3.14 9.41
CA ALA A 132 30.00 -1.69 9.29
C ALA A 132 28.59 -1.19 9.53
N LEU A 133 27.63 -1.86 8.92
CA LEU A 133 26.23 -1.52 9.15
C LEU A 133 25.92 -1.65 10.63
N LYS A 134 26.46 -2.67 11.28
CA LYS A 134 26.26 -2.85 12.74
C LYS A 134 26.93 -1.75 13.56
N TYR A 135 28.11 -1.34 13.13
CA TYR A 135 28.75 -0.22 13.75
C TYR A 135 27.92 1.07 13.60
N ILE A 136 27.35 1.31 12.44
CA ILE A 136 26.62 2.55 12.21
C ILE A 136 25.37 2.57 13.06
N LYS A 137 24.79 1.39 13.22
CA LYS A 137 23.61 1.21 14.02
C LYS A 137 23.90 1.56 15.48
N ALA A 138 25.09 1.19 15.93
CA ALA A 138 25.49 1.40 17.30
C ALA A 138 25.86 2.83 17.55
N ASN A 139 26.23 3.56 16.50
CA ASN A 139 26.91 4.83 16.74
C ASN A 139 26.25 6.10 16.24
N HIS A 140 25.13 5.96 15.53
CA HIS A 140 24.46 7.13 14.99
C HIS A 140 23.91 8.00 16.11
N GLY A 141 23.55 7.40 17.24
CA GLY A 141 23.03 8.16 18.38
C GLY A 141 21.67 8.83 18.19
N LEU A 142 20.96 8.41 17.15
CA LEU A 142 19.56 8.71 17.00
C LEU A 142 18.78 8.07 18.12
N SER A 143 17.61 8.64 18.38
CA SER A 143 16.66 8.06 19.33
C SER A 143 15.25 8.08 18.76
N GLY A 144 14.35 7.40 19.44
CA GLY A 144 12.94 7.37 19.05
C GLY A 144 12.68 6.70 17.71
N ASP A 145 11.60 7.12 17.07
CA ASP A 145 11.19 6.64 15.75
C ASP A 145 12.26 6.77 14.64
N PRO A 146 13.03 7.88 14.64
CA PRO A 146 14.17 8.04 13.73
C PRO A 146 15.15 6.88 13.82
N ALA A 147 15.54 6.51 15.03
CA ALA A 147 16.44 5.39 15.20
C ALA A 147 15.79 4.09 14.71
N VAL A 148 14.51 3.92 14.97
CA VAL A 148 13.85 2.67 14.65
C VAL A 148 13.78 2.50 13.16
N GLU A 149 13.47 3.56 12.43
CA GLU A 149 13.35 3.49 10.97
C GLU A 149 14.75 3.38 10.35
N ALA A 150 15.70 4.11 10.90
CA ALA A 150 17.05 4.06 10.41
C ALA A 150 17.57 2.63 10.58
N ASN A 151 17.33 2.08 11.75
CA ASN A 151 17.71 0.71 12.02
C ASN A 151 16.98 -0.31 11.16
N SER A 152 15.74 -0.03 10.79
CA SER A 152 15.06 -0.91 9.84
C SER A 152 15.86 -1.03 8.51
N TYR A 153 16.38 0.07 7.98
CA TYR A 153 17.11 0.06 6.73
C TYR A 153 18.51 -0.51 6.86
N LEU A 154 19.22 -0.18 7.93
CA LEU A 154 20.50 -0.82 8.23
C LEU A 154 20.29 -2.33 8.39
N ASP A 155 19.28 -2.75 9.15
CA ASP A 155 18.98 -4.17 9.28
C ASP A 155 18.51 -4.81 7.97
N TYR A 156 17.82 -4.04 7.15
CA TYR A 156 17.39 -4.52 5.84
C TYR A 156 18.56 -4.83 4.96
N ALA A 157 19.59 -4.01 5.06
CA ALA A 157 20.82 -4.20 4.31
C ALA A 157 21.57 -5.42 4.82
N ILE A 158 21.52 -5.71 6.12
CA ILE A 158 22.18 -6.92 6.65
C ILE A 158 21.44 -8.18 6.20
N ASN A 159 20.10 -8.13 6.14
CA ASN A 159 19.32 -9.26 5.61
C ASN A 159 19.65 -9.52 4.15
N ALA A 160 19.91 -8.42 3.45
CA ALA A 160 20.22 -8.46 2.04
C ALA A 160 21.55 -9.12 1.80
N LEU A 161 22.46 -8.95 2.76
CA LEU A 161 23.78 -9.55 2.65
C LEU A 161 23.88 -10.95 3.24
N SER A 162 22.82 -11.35 3.93
CA SER A 162 22.80 -12.60 4.68
C SER A 162 21.75 -13.56 4.11
N MET B 1 8.16 4.39 -11.38
CA MET B 1 7.66 5.76 -11.02
C MET B 1 8.42 6.31 -9.80
N PHE B 2 8.44 7.63 -9.67
CA PHE B 2 8.92 8.33 -8.48
C PHE B 2 7.76 9.02 -7.77
N ASP B 3 8.02 9.48 -6.56
CA ASP B 3 7.15 10.43 -5.87
C ASP B 3 7.99 11.62 -5.49
N ALA B 4 7.42 12.56 -4.75
CA ALA B 4 8.12 13.80 -4.39
C ALA B 4 9.47 13.46 -3.78
N PHE B 5 9.48 12.47 -2.90
CA PHE B 5 10.63 12.18 -2.08
C PHE B 5 11.67 11.42 -2.89
N THR B 6 11.25 10.41 -3.67
CA THR B 6 12.20 9.68 -4.49
C THR B 6 12.69 10.44 -5.69
N LYS B 7 11.97 11.47 -6.10
CA LYS B 7 12.45 12.33 -7.16
C LYS B 7 13.70 13.06 -6.73
N VAL B 8 13.65 13.69 -5.54
CA VAL B 8 14.83 14.39 -5.07
C VAL B 8 15.96 13.37 -4.78
N VAL B 9 15.60 12.16 -4.36
CA VAL B 9 16.59 11.10 -4.11
C VAL B 9 17.30 10.65 -5.37
N SER B 10 16.56 10.46 -6.46
CA SER B 10 17.19 10.04 -7.72
C SER B 10 18.09 11.14 -8.23
N GLN B 11 17.64 12.39 -8.06
CA GLN B 11 18.44 13.51 -8.49
C GLN B 11 19.71 13.57 -7.65
N ALA B 12 19.62 13.23 -6.38
CA ALA B 12 20.80 13.26 -5.53
C ALA B 12 21.75 12.12 -5.83
N ASP B 13 21.20 10.95 -6.13
CA ASP B 13 22.05 9.78 -6.34
C ASP B 13 22.85 9.94 -7.62
N ALA B 14 22.21 10.49 -8.62
CA ALA B 14 22.91 10.83 -9.86
C ALA B 14 24.17 11.64 -9.59
N ARG B 15 24.11 12.48 -8.55
CA ARG B 15 25.23 13.33 -8.11
C ARG B 15 26.10 12.77 -6.96
N GLY B 16 25.89 11.50 -6.57
CA GLY B 16 26.54 10.93 -5.38
C GLY B 16 26.42 11.79 -4.15
N ALA B 17 25.28 12.47 -4.01
CA ALA B 17 25.11 13.48 -2.95
C ALA B 17 24.10 13.04 -1.91
N TYR B 18 24.32 13.47 -0.68
CA TYR B 18 23.27 13.47 0.35
C TYR B 18 22.26 14.54 0.00
N LEU B 19 21.02 14.37 0.42
CA LEU B 19 20.03 15.44 0.31
C LEU B 19 20.35 16.62 1.23
N THR B 20 20.19 17.82 0.68
CA THR B 20 20.52 19.03 1.41
C THR B 20 19.40 19.34 2.41
N THR B 21 19.75 20.06 3.48
CA THR B 21 18.78 20.38 4.51
C THR B 21 17.68 21.26 3.95
N ASP B 22 18.00 22.11 2.98
CA ASP B 22 17.00 22.91 2.26
C ASP B 22 15.98 22.02 1.52
N GLN B 23 16.47 21.00 0.83
CA GLN B 23 15.61 20.08 0.12
C GLN B 23 14.65 19.40 1.08
N ILE B 24 15.18 19.00 2.22
CA ILE B 24 14.39 18.33 3.24
C ILE B 24 13.34 19.27 3.78
N ASP B 25 13.71 20.54 3.90
CA ASP B 25 12.78 21.60 4.34
C ASP B 25 11.58 21.68 3.41
N ALA B 26 11.82 21.65 2.10
CA ALA B 26 10.74 21.67 1.12
C ALA B 26 9.86 20.44 1.19
N LEU B 27 10.46 19.28 1.43
CA LEU B 27 9.68 18.05 1.58
C LEU B 27 8.84 18.08 2.84
N THR B 28 9.44 18.48 3.96
CA THR B 28 8.66 18.68 5.21
C THR B 28 7.51 19.66 4.96
N ALA B 29 7.69 20.62 4.06
CA ALA B 29 6.61 21.55 3.70
C ALA B 29 5.46 20.83 2.99
N LEU B 30 5.81 19.94 2.06
CA LEU B 30 4.85 19.13 1.34
C LEU B 30 4.10 18.21 2.29
N VAL B 31 4.84 17.61 3.22
CA VAL B 31 4.24 16.77 4.27
C VAL B 31 3.27 17.53 5.17
N SER B 32 3.62 18.75 5.55
CA SER B 32 2.75 19.52 6.44
C SER B 32 1.41 19.85 5.74
N ASP B 33 1.46 19.95 4.41
CA ASP B 33 0.27 20.15 3.58
C ASP B 33 -0.34 18.85 3.05
N GLY B 34 0.08 17.72 3.58
CA GLY B 34 -0.39 16.44 3.06
C GLY B 34 -1.90 16.21 3.16
N ASN B 35 -2.54 16.71 4.21
CA ASN B 35 -3.99 16.53 4.37
C ASN B 35 -4.74 17.08 3.18
N LYS B 36 -4.35 18.29 2.77
CA LYS B 36 -4.94 19.00 1.66
C LYS B 36 -4.73 18.26 0.35
N ARG B 37 -3.54 17.71 0.19
CA ARG B 37 -3.22 16.94 -1.01
C ARG B 37 -4.14 15.72 -1.13
N MET B 38 -4.44 15.06 -0.03
CA MET B 38 -5.39 13.96 -0.04
C MET B 38 -6.69 14.48 -0.53
N ASP B 39 -7.19 15.52 0.14
CA ASP B 39 -8.49 16.07 -0.18
C ASP B 39 -8.65 16.21 -1.70
N VAL B 40 -7.59 16.70 -2.36
CA VAL B 40 -7.61 16.92 -3.79
C VAL B 40 -7.82 15.62 -4.55
N VAL B 41 -7.09 14.59 -4.15
CA VAL B 41 -7.20 13.26 -4.74
C VAL B 41 -8.60 12.72 -4.51
N ASN B 42 -9.06 12.91 -3.28
CA ASN B 42 -10.30 12.31 -2.84
C ASN B 42 -11.48 12.92 -3.57
N ARG B 43 -11.42 14.25 -3.73
CA ARG B 43 -12.53 15.01 -4.32
C ARG B 43 -12.61 14.81 -5.80
N ILE B 44 -11.47 14.77 -6.47
CA ILE B 44 -11.48 14.56 -7.90
C ILE B 44 -11.96 13.14 -8.20
N THR B 45 -11.40 12.19 -7.49
CA THR B 45 -11.74 10.80 -7.62
C THR B 45 -13.20 10.57 -7.26
N SER B 46 -13.67 11.27 -6.23
CA SER B 46 -15.05 11.10 -5.76
C SER B 46 -16.05 11.59 -6.80
N ASN B 47 -15.59 12.51 -7.64
CA ASN B 47 -16.43 13.17 -8.62
C ASN B 47 -15.97 12.92 -10.04
N SER B 48 -15.21 11.87 -10.24
CA SER B 48 -14.57 11.68 -11.53
C SER B 48 -15.53 11.25 -12.64
N SER B 49 -16.60 10.53 -12.30
CA SER B 49 -17.68 10.24 -13.27
C SER B 49 -18.31 11.49 -13.87
N LYS B 50 -18.66 12.46 -13.01
CA LYS B 50 -19.13 13.78 -13.42
C LYS B 50 -18.13 14.44 -14.34
N ILE B 51 -16.86 14.42 -13.94
CA ILE B 51 -15.79 15.13 -14.65
C ILE B 51 -15.58 14.57 -16.05
N VAL B 52 -15.52 13.25 -16.20
CA VAL B 52 -15.35 12.65 -17.53
C VAL B 52 -16.55 12.89 -18.45
N ALA B 53 -17.74 12.73 -17.89
CA ALA B 53 -18.99 12.87 -18.65
C ALA B 53 -19.24 14.30 -19.06
N ASP B 54 -19.09 15.24 -18.13
CA ASP B 54 -19.28 16.65 -18.42
C ASP B 54 -18.27 17.23 -19.41
N ALA B 55 -17.01 16.81 -19.29
CA ALA B 55 -15.96 17.30 -20.18
C ALA B 55 -16.17 16.72 -21.59
N ALA B 56 -16.59 15.45 -21.66
CA ALA B 56 -16.85 14.80 -22.95
C ALA B 56 -18.06 15.40 -23.62
N ARG B 57 -19.12 15.58 -22.84
CA ARG B 57 -20.36 16.17 -23.34
C ARG B 57 -20.08 17.54 -24.00
N SER B 58 -19.29 18.35 -23.33
CA SER B 58 -18.88 19.64 -23.79
C SER B 58 -18.01 19.57 -25.04
N LEU B 59 -17.04 18.67 -25.03
CA LEU B 59 -16.17 18.47 -26.19
C LEU B 59 -16.99 18.13 -27.44
N PHE B 60 -17.99 17.28 -27.29
CA PHE B 60 -18.79 16.87 -28.44
C PHE B 60 -19.68 18.00 -28.92
N ALA B 61 -20.15 18.83 -27.97
CA ALA B 61 -20.96 19.98 -28.30
C ALA B 61 -20.11 21.02 -29.04
N GLU B 62 -18.85 21.13 -28.67
CA GLU B 62 -17.98 22.15 -29.24
C GLU B 62 -17.43 21.68 -30.56
N GLN B 63 -17.20 20.37 -30.69
CA GLN B 63 -16.70 19.78 -31.92
C GLN B 63 -17.65 18.69 -32.39
N PRO B 64 -18.79 19.10 -32.96
CA PRO B 64 -19.82 18.12 -33.32
C PRO B 64 -19.40 17.11 -34.36
N GLN B 65 -18.39 17.41 -35.15
CA GLN B 65 -17.95 16.47 -36.22
C GLN B 65 -17.41 15.15 -35.63
N LEU B 66 -16.98 15.21 -34.37
CA LEU B 66 -16.53 14.01 -33.69
C LEU B 66 -17.63 12.94 -33.55
N ILE B 67 -18.85 13.32 -33.22
CA ILE B 67 -19.94 12.34 -33.06
C ILE B 67 -20.85 12.17 -34.28
N ALA B 68 -20.60 12.96 -35.32
CA ALA B 68 -21.21 12.74 -36.61
C ALA B 68 -20.71 11.41 -37.22
N PRO B 69 -21.55 10.76 -38.05
CA PRO B 69 -21.12 9.55 -38.74
C PRO B 69 -19.82 9.81 -39.46
N GLY B 70 -18.93 8.82 -39.41
CA GLY B 70 -17.57 9.00 -39.93
C GLY B 70 -16.61 9.61 -38.93
N GLY B 71 -17.13 10.18 -37.85
CA GLY B 71 -16.34 10.88 -36.86
C GLY B 71 -15.57 9.95 -35.98
N MEN B 72 -14.55 10.48 -35.30
CA MEN B 72 -13.66 9.62 -34.50
C MEN B 72 -14.32 9.08 -33.25
O MEN B 72 -13.95 8.04 -32.76
CB MEN B 72 -12.33 10.33 -34.18
CG MEN B 72 -11.24 9.30 -33.88
OD1 MEN B 72 -10.68 9.22 -32.80
ND2 MEN B 72 -10.96 8.48 -34.90
CE2 MEN B 72 -9.96 7.44 -34.80
N ALA B 73 -15.32 9.77 -32.72
CA ALA B 73 -16.08 9.26 -31.57
C ALA B 73 -17.43 8.67 -31.96
N TYR B 74 -17.62 8.46 -33.25
CA TYR B 74 -18.85 7.83 -33.80
C TYR B 74 -18.72 6.30 -33.73
N THR B 75 -19.82 5.66 -33.35
CA THR B 75 -19.89 4.22 -33.00
C THR B 75 -19.57 4.05 -31.52
N SER B 76 -20.28 3.11 -30.90
CA SER B 76 -20.15 2.91 -29.47
C SER B 76 -18.73 2.55 -29.05
N ARG B 77 -18.05 1.75 -29.88
CA ARG B 77 -16.70 1.26 -29.63
C ARG B 77 -15.70 2.40 -29.55
N ARG B 78 -15.78 3.30 -30.51
CA ARG B 78 -14.91 4.44 -30.59
C ARG B 78 -15.26 5.47 -29.50
N MET B 79 -16.55 5.61 -29.22
CA MET B 79 -17.01 6.47 -28.11
C MET B 79 -16.53 5.90 -26.77
N ALA B 80 -16.69 4.59 -26.60
CA ALA B 80 -16.27 3.94 -25.38
C ALA B 80 -14.78 4.12 -25.18
N ALA B 81 -14.03 4.00 -26.27
CA ALA B 81 -12.58 4.14 -26.24
C ALA B 81 -12.19 5.53 -25.80
N CYS B 82 -12.93 6.52 -26.32
CA CYS B 82 -12.66 7.90 -26.00
C CYS B 82 -12.94 8.20 -24.50
N LEU B 83 -14.09 7.75 -24.04
CA LEU B 83 -14.47 7.99 -22.65
C LEU B 83 -13.44 7.33 -21.73
N ARG B 84 -13.00 6.13 -22.15
CA ARG B 84 -11.99 5.38 -21.44
C ARG B 84 -10.71 6.20 -21.41
N ASP B 85 -10.40 6.86 -22.52
CA ASP B 85 -9.18 7.67 -22.61
C ASP B 85 -9.19 8.84 -21.64
N MET B 86 -10.32 9.53 -21.57
CA MET B 86 -10.45 10.65 -20.66
C MET B 86 -10.30 10.17 -19.21
N GLU B 87 -10.89 9.02 -18.92
CA GLU B 87 -10.81 8.40 -17.60
C GLU B 87 -9.42 8.00 -17.20
N ILE B 88 -8.72 7.33 -18.11
CA ILE B 88 -7.34 6.90 -17.88
C ILE B 88 -6.42 8.07 -17.57
N ILE B 89 -6.59 9.17 -18.31
CA ILE B 89 -5.75 10.35 -18.14
C ILE B 89 -6.06 11.02 -16.81
N LEU B 90 -7.34 11.17 -16.52
CA LEU B 90 -7.73 11.78 -15.25
C LEU B 90 -7.21 10.93 -14.08
N ARG B 91 -7.20 9.61 -14.27
CA ARG B 91 -6.72 8.66 -13.26
C ARG B 91 -5.24 8.88 -13.02
N TYR B 92 -4.48 9.02 -14.11
CA TYR B 92 -3.06 9.26 -13.99
C TYR B 92 -2.72 10.61 -13.42
N VAL B 93 -3.59 11.60 -13.67
CA VAL B 93 -3.41 12.93 -13.08
C VAL B 93 -3.57 12.82 -11.57
N THR B 94 -4.56 12.06 -11.14
CA THR B 94 -4.80 11.92 -9.70
C THR B 94 -3.61 11.21 -9.04
N TYR B 95 -3.05 10.23 -9.77
CA TYR B 95 -1.82 9.55 -9.34
C TYR B 95 -0.68 10.55 -9.14
N ALA B 96 -0.55 11.52 -10.04
CA ALA B 96 0.54 12.49 -9.95
C ALA B 96 0.32 13.45 -8.82
N ILE B 97 -0.90 13.95 -8.66
CA ILE B 97 -1.16 14.84 -7.54
C ILE B 97 -1.06 14.08 -6.21
N PHE B 98 -1.36 12.78 -6.21
CA PHE B 98 -1.15 11.93 -5.03
C PHE B 98 0.32 11.68 -4.70
N SER B 99 1.09 11.24 -5.68
CA SER B 99 2.52 11.05 -5.52
C SER B 99 3.33 12.36 -5.37
N GLY B 100 2.82 13.49 -5.84
CA GLY B 100 3.62 14.71 -5.85
C GLY B 100 4.72 14.72 -6.91
N ASP B 101 4.53 13.89 -7.93
CA ASP B 101 5.47 13.82 -9.02
C ASP B 101 4.77 13.27 -10.26
N ALA B 102 5.29 13.71 -11.39
CA ALA B 102 4.68 13.53 -12.67
C ALA B 102 5.07 12.24 -13.36
N SER B 103 6.10 11.52 -12.89
CA SER B 103 6.73 10.45 -13.68
C SER B 103 5.77 9.32 -14.01
N VAL B 104 4.90 8.97 -13.08
CA VAL B 104 3.93 7.93 -13.33
C VAL B 104 3.02 8.28 -14.54
N LEU B 105 2.61 9.56 -14.62
CA LEU B 105 1.78 10.08 -15.69
C LEU B 105 2.59 10.02 -17.00
N ASP B 106 3.86 10.39 -16.91
CA ASP B 106 4.76 10.35 -18.08
C ASP B 106 4.97 8.94 -18.59
N ASP B 107 5.30 8.04 -17.68
CA ASP B 107 5.81 6.73 -18.06
C ASP B 107 4.72 5.80 -18.55
N ARG B 108 3.58 5.80 -17.87
CA ARG B 108 2.62 4.72 -18.10
C ARG B 108 1.46 5.16 -18.93
N CYS B 109 1.40 6.47 -19.20
CA CYS B 109 0.27 7.09 -19.86
C CYS B 109 0.75 7.91 -21.05
N LEU B 110 1.48 8.98 -20.79
CA LEU B 110 1.75 9.98 -21.82
C LEU B 110 2.81 9.61 -22.84
N ASN B 111 3.77 8.80 -22.43
CA ASN B 111 4.90 8.48 -23.29
C ASN B 111 4.44 7.68 -24.49
N GLY B 112 4.66 8.24 -25.67
CA GLY B 112 4.35 7.56 -26.93
C GLY B 112 2.90 7.68 -27.37
N LEU B 113 2.08 8.38 -26.57
CA LEU B 113 0.65 8.44 -26.82
C LEU B 113 0.34 9.27 -28.04
N ARG B 114 1.15 10.32 -28.25
CA ARG B 114 0.99 11.21 -29.42
C ARG B 114 1.11 10.41 -30.72
N GLU B 115 2.13 9.57 -30.77
CA GLU B 115 2.41 8.75 -31.93
C GLU B 115 1.31 7.73 -32.10
N THR B 116 0.80 7.21 -30.98
CA THR B 116 -0.32 6.25 -30.98
C THR B 116 -1.56 6.85 -31.65
N TYR B 117 -1.87 8.10 -31.25
CA TYR B 117 -3.01 8.80 -31.82
C TYR B 117 -2.85 9.17 -33.32
N ILE B 118 -1.62 9.51 -33.74
CA ILE B 118 -1.39 9.77 -35.15
C ILE B 118 -1.61 8.50 -35.96
N ALA B 119 -1.00 7.41 -35.51
CA ALA B 119 -1.20 6.11 -36.16
C ALA B 119 -2.68 5.76 -36.21
N LEU B 120 -3.36 5.92 -35.09
CA LEU B 120 -4.77 5.55 -35.01
C LEU B 120 -5.63 6.46 -35.85
N GLY B 121 -5.21 7.71 -36.01
CA GLY B 121 -6.03 8.72 -36.66
C GLY B 121 -6.90 9.48 -35.67
N THR B 122 -6.58 9.38 -34.38
CA THR B 122 -7.32 10.05 -33.33
C THR B 122 -6.88 11.51 -33.28
N PRO B 123 -7.82 12.45 -33.16
CA PRO B 123 -7.40 13.84 -33.14
C PRO B 123 -6.83 14.29 -31.81
N GLY B 124 -5.51 14.31 -31.70
CA GLY B 124 -4.82 14.58 -30.45
C GLY B 124 -5.14 15.91 -29.86
N ALA B 125 -5.41 16.90 -30.70
CA ALA B 125 -5.77 18.24 -30.21
C ALA B 125 -7.13 18.19 -29.52
N SER B 126 -8.03 17.36 -30.06
CA SER B 126 -9.36 17.20 -29.50
C SER B 126 -9.32 16.59 -28.09
N VAL B 127 -8.50 15.57 -27.94
CA VAL B 127 -8.22 14.92 -26.65
C VAL B 127 -7.75 15.97 -25.65
N ALA B 128 -6.90 16.88 -26.14
CA ALA B 128 -6.34 17.92 -25.34
C ALA B 128 -7.35 18.96 -24.85
N VAL B 129 -8.34 19.30 -25.67
CA VAL B 129 -9.41 20.23 -25.29
C VAL B 129 -10.20 19.57 -24.14
N GLY B 130 -10.42 18.26 -24.26
CA GLY B 130 -11.11 17.50 -23.26
C GLY B 130 -10.35 17.40 -21.94
N VAL B 131 -9.04 17.21 -22.02
CA VAL B 131 -8.21 17.25 -20.82
C VAL B 131 -8.30 18.66 -20.16
N GLU B 132 -8.23 19.71 -20.98
CA GLU B 132 -8.36 21.09 -20.50
C GLU B 132 -9.69 21.31 -19.81
N LYS B 133 -10.75 20.65 -20.29
CA LYS B 133 -12.07 20.79 -19.68
C LYS B 133 -12.13 20.08 -18.35
N MET B 134 -11.50 18.91 -18.27
CA MET B 134 -11.50 18.11 -17.05
C MET B 134 -10.71 18.86 -15.98
N LYS B 135 -9.65 19.55 -16.40
CA LYS B 135 -8.86 20.40 -15.51
C LYS B 135 -9.69 21.50 -14.83
N GLN B 136 -10.51 22.20 -15.60
CA GLN B 136 -11.30 23.30 -15.02
C GLN B 136 -12.24 22.75 -13.97
N ALA B 137 -12.89 21.63 -14.31
CA ALA B 137 -13.89 21.04 -13.44
C ALA B 137 -13.26 20.41 -12.20
N ALA B 138 -12.16 19.70 -12.38
CA ALA B 138 -11.45 19.09 -11.26
C ALA B 138 -10.98 20.12 -10.23
N LEU B 139 -10.46 21.25 -10.72
CA LEU B 139 -10.02 22.33 -9.85
C LEU B 139 -11.17 22.99 -9.13
N ALA B 140 -12.29 23.18 -9.83
CA ALA B 140 -13.44 23.84 -9.22
C ALA B 140 -13.92 22.94 -8.11
N ILE B 141 -13.96 21.63 -8.37
CA ILE B 141 -14.33 20.67 -7.35
C ILE B 141 -13.27 20.65 -6.25
N ALA B 142 -12.01 20.49 -6.63
CA ALA B 142 -10.94 20.39 -5.66
C ALA B 142 -10.82 21.65 -4.79
N GLY B 143 -10.96 22.83 -5.40
CA GLY B 143 -10.74 24.13 -4.74
C GLY B 143 -11.98 24.69 -4.06
N ASP B 144 -13.09 23.94 -4.08
CA ASP B 144 -14.36 24.34 -3.44
C ASP B 144 -14.24 24.54 -1.92
N THR B 145 -14.75 25.66 -1.38
CA THR B 145 -14.54 26.03 0.04
C THR B 145 -15.59 25.44 0.97
N SER B 146 -16.53 24.68 0.43
CA SER B 146 -17.64 24.12 1.20
C SER B 146 -17.37 22.70 1.68
N GLY B 147 -17.90 22.38 2.85
CA GLY B 147 -17.79 21.05 3.43
C GLY B 147 -16.37 20.68 3.80
N ILE B 148 -15.52 21.69 4.02
CA ILE B 148 -14.11 21.48 4.32
C ILE B 148 -13.55 22.62 5.19
N THR B 149 -12.47 22.32 5.92
CA THR B 149 -11.74 23.30 6.70
C THR B 149 -11.13 24.34 5.76
N PRO B 150 -11.37 25.64 6.04
CA PRO B 150 -10.85 26.66 5.12
C PRO B 150 -9.37 26.74 5.25
N GLY B 151 -8.71 26.88 4.12
CA GLY B 151 -7.28 27.05 4.09
C GLY B 151 -6.87 27.36 2.69
N ASP B 152 -5.58 27.32 2.47
CA ASP B 152 -5.03 27.70 1.20
C ASP B 152 -4.54 26.45 0.48
N CYS B 153 -5.12 26.15 -0.67
CA CYS B 153 -4.66 25.02 -1.45
C CYS B 153 -4.04 25.47 -2.76
N ALA B 154 -3.49 26.68 -2.75
CA ALA B 154 -3.00 27.36 -3.96
C ALA B 154 -1.83 26.64 -4.63
N SER B 155 -0.88 26.15 -3.83
CA SER B 155 0.29 25.43 -4.38
C SER B 155 -0.20 24.21 -5.12
N ILE B 156 -1.05 23.45 -4.44
CA ILE B 156 -1.53 22.17 -4.94
C ILE B 156 -2.32 22.38 -6.24
N MET B 157 -3.12 23.44 -6.31
CA MET B 157 -3.91 23.73 -7.50
C MET B 157 -3.03 24.06 -8.72
N SER B 158 -1.99 24.84 -8.51
CA SER B 158 -1.04 25.12 -9.59
C SER B 158 -0.42 23.80 -10.01
N GLU B 159 -0.10 22.98 -9.02
CA GLU B 159 0.58 21.74 -9.27
C GLU B 159 -0.35 20.78 -9.98
N VAL B 160 -1.62 20.75 -9.58
CA VAL B 160 -2.61 19.90 -10.27
C VAL B 160 -2.78 20.42 -11.69
N ALA B 161 -2.80 21.75 -11.86
CA ALA B 161 -2.96 22.39 -13.18
C ALA B 161 -1.83 21.98 -14.09
N SER B 162 -0.64 21.89 -13.52
CA SER B 162 0.56 21.48 -14.25
C SER B 162 0.41 20.10 -14.88
N TYR B 163 -0.07 19.14 -14.10
CA TYR B 163 -0.19 17.75 -14.53
C TYR B 163 -1.18 17.69 -15.68
N PHE B 164 -2.29 18.41 -15.56
CA PHE B 164 -3.30 18.48 -16.65
C PHE B 164 -2.71 19.09 -17.93
N ASP B 165 -2.04 20.23 -17.79
CA ASP B 165 -1.40 20.87 -18.93
C ASP B 165 -0.35 19.96 -19.54
N ARG B 166 0.36 19.21 -18.71
CA ARG B 166 1.43 18.30 -19.17
C ARG B 166 0.83 17.18 -20.00
N ALA B 167 -0.30 16.63 -19.52
CA ALA B 167 -1.07 15.60 -20.24
C ALA B 167 -1.63 16.09 -21.57
N ALA B 168 -2.18 17.31 -21.56
CA ALA B 168 -2.67 17.99 -22.78
C ALA B 168 -1.58 18.26 -23.79
N ALA B 169 -0.42 18.69 -23.32
CA ALA B 169 0.73 18.88 -24.19
C ALA B 169 1.23 17.57 -24.82
N ALA B 170 1.06 16.44 -24.14
CA ALA B 170 1.66 15.20 -24.62
C ALA B 170 0.88 14.59 -25.79
N VAL B 171 -0.43 14.78 -25.77
CA VAL B 171 -1.31 14.21 -26.79
C VAL B 171 -1.28 15.06 -28.06
N ALA B 172 -0.95 16.33 -27.88
CA ALA B 172 -0.79 17.32 -28.97
C ALA B 172 0.20 16.86 -30.05
N MET C 1 -9.81 -9.07 -0.20
CA MET C 1 -10.65 -7.93 0.27
C MET C 1 -9.82 -6.69 0.62
N LYS C 2 -9.94 -5.67 -0.22
CA LYS C 2 -9.04 -4.54 -0.19
C LYS C 2 -9.21 -3.60 1.01
N THR C 3 -8.18 -3.62 1.85
CA THR C 3 -7.96 -2.65 2.90
C THR C 3 -6.53 -2.15 2.72
N PRO C 4 -6.14 -1.12 3.49
CA PRO C 4 -4.74 -0.64 3.37
C PRO C 4 -3.73 -1.73 3.72
N LEU C 5 -4.03 -2.51 4.74
CA LEU C 5 -3.13 -3.52 5.24
C LEU C 5 -3.04 -4.71 4.26
N THR C 6 -4.16 -5.12 3.67
CA THR C 6 -4.15 -6.26 2.74
C THR C 6 -3.50 -5.88 1.39
N GLU C 7 -3.65 -4.63 0.99
CA GLU C 7 -3.03 -4.12 -0.24
C GLU C 7 -1.49 -4.08 -0.09
N ALA C 8 -1.01 -3.67 1.07
CA ALA C 8 0.41 -3.65 1.38
C ALA C 8 1.04 -5.06 1.35
N VAL C 9 0.33 -6.02 1.96
CA VAL C 9 0.78 -7.41 2.00
C VAL C 9 0.74 -8.02 0.59
N ALA C 10 -0.33 -7.76 -0.15
CA ALA C 10 -0.56 -8.42 -1.46
C ALA C 10 0.55 -8.10 -2.42
N VAL C 11 0.95 -6.84 -2.39
CA VAL C 11 1.93 -6.34 -3.32
C VAL C 11 3.36 -6.71 -2.96
N ALA C 12 3.69 -6.71 -1.67
CA ALA C 12 4.98 -7.26 -1.21
C ALA C 12 5.09 -8.75 -1.54
N ASP C 13 3.97 -9.48 -1.40
CA ASP C 13 3.93 -10.90 -1.76
C ASP C 13 4.12 -11.07 -3.29
N SER C 14 3.60 -10.11 -4.05
CA SER C 14 3.80 -10.09 -5.48
C SER C 14 5.25 -10.11 -5.82
N GLN C 15 6.02 -9.39 -5.02
CA GLN C 15 7.45 -9.23 -5.22
C GLN C 15 8.26 -10.19 -4.36
N GLY C 16 7.58 -11.05 -3.61
CA GLY C 16 8.24 -12.04 -2.76
C GLY C 16 9.05 -11.39 -1.65
N ARG C 17 8.54 -10.26 -1.13
CA ARG C 17 9.28 -9.48 -0.17
C ARG C 17 8.64 -9.51 1.18
N PHE C 18 9.50 -9.49 2.18
CA PHE C 18 9.11 -9.12 3.53
C PHE C 18 8.55 -7.70 3.58
N LEU C 19 7.68 -7.46 4.55
CA LEU C 19 7.20 -6.12 4.83
C LEU C 19 8.39 -5.31 5.29
N SER C 20 8.47 -4.09 4.79
CA SER C 20 9.50 -3.16 5.20
C SER C 20 8.81 -1.97 5.87
N SER C 21 9.57 -0.88 6.04
CA SER C 21 9.13 0.33 6.68
C SER C 21 8.01 1.04 5.88
N THR C 22 8.08 0.87 4.57
CA THR C 22 7.02 1.37 3.71
C THR C 22 5.62 0.87 4.16
N GLU C 23 5.52 -0.44 4.39
CA GLU C 23 4.24 -1.02 4.74
C GLU C 23 3.82 -0.77 6.19
N VAL C 24 4.79 -0.61 7.08
CA VAL C 24 4.47 -0.32 8.47
C VAL C 24 3.90 1.09 8.58
N GLN C 25 4.32 2.00 7.70
CA GLN C 25 3.69 3.34 7.59
C GLN C 25 2.23 3.24 7.12
N THR C 26 1.95 2.23 6.29
CA THR C 26 0.59 1.98 5.84
C THR C 26 -0.32 1.65 7.02
N ALA C 27 0.21 0.79 7.90
CA ALA C 27 -0.46 0.40 9.13
C ALA C 27 -0.65 1.60 10.05
N PHE C 28 0.34 2.48 10.07
CA PHE C 28 0.24 3.67 10.90
C PHE C 28 -0.95 4.50 10.45
N GLY C 29 -1.12 4.67 9.14
CA GLY C 29 -2.25 5.47 8.62
C GLY C 29 -3.61 4.84 8.83
N ARG C 30 -3.68 3.52 8.69
CA ARG C 30 -4.87 2.76 9.02
C ARG C 30 -5.31 3.00 10.46
N PHE C 31 -4.35 2.99 11.38
CA PHE C 31 -4.67 3.18 12.79
C PHE C 31 -5.07 4.61 13.11
N ARG C 32 -4.49 5.56 12.38
CA ARG C 32 -4.85 6.97 12.51
C ARG C 32 -6.32 7.17 12.11
N GLN C 33 -6.74 6.53 11.03
CA GLN C 33 -8.07 6.74 10.45
C GLN C 33 -9.14 5.91 11.14
N ALA C 34 -8.72 4.84 11.79
CA ALA C 34 -9.66 3.84 12.25
C ALA C 34 -10.73 4.40 13.17
N GLY C 35 -10.37 5.14 14.22
CA GLY C 35 -11.35 5.81 15.09
C GLY C 35 -12.52 6.42 14.31
N ALA C 36 -12.22 7.26 13.32
CA ALA C 36 -13.23 7.88 12.47
C ALA C 36 -14.11 6.84 11.76
N SER C 37 -13.45 5.88 11.12
CA SER C 37 -14.15 4.84 10.36
C SER C 37 -15.12 4.04 11.23
N LEU C 38 -14.65 3.62 12.40
CA LEU C 38 -15.46 2.83 13.31
C LEU C 38 -16.60 3.64 13.91
N ALA C 39 -16.35 4.92 14.19
CA ALA C 39 -17.41 5.77 14.70
C ALA C 39 -18.49 5.90 13.63
N ALA C 40 -18.07 6.14 12.38
CA ALA C 40 -19.01 6.29 11.26
C ALA C 40 -19.86 5.05 11.04
N ALA C 41 -19.28 3.87 11.19
CA ALA C 41 -20.01 2.62 10.93
C ALA C 41 -21.09 2.42 11.97
N LYS C 42 -20.79 2.70 13.22
CA LYS C 42 -21.74 2.69 14.35
C LYS C 42 -22.87 3.73 14.24
N GLY C 43 -22.55 4.94 13.76
CA GLY C 43 -23.49 6.03 13.52
C GLY C 43 -24.51 5.63 12.46
N LEU C 44 -24.02 5.01 11.40
CA LEU C 44 -24.89 4.57 10.30
C LEU C 44 -25.76 3.38 10.71
N THR C 45 -25.18 2.51 11.51
CA THR C 45 -25.89 1.32 11.94
C THR C 45 -27.08 1.68 12.84
N GLU C 46 -26.86 2.62 13.76
CA GLU C 46 -27.87 2.99 14.74
C GLU C 46 -29.03 3.70 14.04
N LYS C 47 -28.72 4.43 12.97
CA LYS C 47 -29.75 5.11 12.19
C LYS C 47 -30.08 4.41 10.85
N ALA C 48 -29.89 3.09 10.81
CA ALA C 48 -30.09 2.33 9.55
C ALA C 48 -31.53 2.33 9.01
N SER C 49 -32.51 2.08 9.88
CA SER C 49 -33.92 2.07 9.43
C SER C 49 -34.41 3.40 8.82
N SER C 50 -34.02 4.52 9.41
CA SER C 50 -34.44 5.81 8.91
C SER C 50 -33.82 6.14 7.55
N LEU C 51 -32.52 5.98 7.44
CA LEU C 51 -31.78 6.26 6.22
C LEU C 51 -32.27 5.39 5.05
N THR C 52 -32.39 4.10 5.32
CA THR C 52 -32.78 3.13 4.30
C THR C 52 -34.18 3.42 3.82
N SER C 53 -35.10 3.62 4.76
CA SER C 53 -36.48 3.92 4.42
C SER C 53 -36.60 5.33 3.82
N GLY C 54 -35.78 6.24 4.31
CA GLY C 54 -35.74 7.59 3.78
C GLY C 54 -35.23 7.62 2.35
N ALA C 55 -34.23 6.78 2.06
CA ALA C 55 -33.57 6.71 0.75
C ALA C 55 -34.47 6.03 -0.27
N ALA C 56 -35.12 4.97 0.16
CA ALA C 56 -36.16 4.32 -0.66
C ALA C 56 -37.26 5.31 -1.04
N GLN C 57 -37.72 6.09 -0.05
CA GLN C 57 -38.77 7.07 -0.26
C GLN C 57 -38.31 8.10 -1.24
N ALA C 58 -37.03 8.44 -1.15
CA ALA C 58 -36.46 9.45 -2.02
C ALA C 58 -36.41 8.97 -3.46
N VAL C 59 -36.22 7.66 -3.65
CA VAL C 59 -36.18 7.09 -4.99
C VAL C 59 -37.57 7.10 -5.61
N TYR C 60 -38.55 6.70 -4.84
CA TYR C 60 -39.94 6.74 -5.26
C TYR C 60 -40.41 8.15 -5.61
N ASN C 61 -39.95 9.13 -4.83
CA ASN C 61 -40.32 10.54 -5.07
C ASN C 61 -39.74 10.99 -6.40
N LYS C 62 -38.45 10.69 -6.59
CA LYS C 62 -37.76 11.10 -7.81
C LYS C 62 -38.26 10.33 -9.03
N PHE C 63 -38.55 9.04 -8.87
CA PHE C 63 -38.99 8.20 -10.00
C PHE C 63 -40.38 7.61 -9.68
N PRO C 64 -41.46 8.39 -9.88
CA PRO C 64 -42.78 7.94 -9.39
C PRO C 64 -43.28 6.67 -10.03
N TYR C 65 -42.98 6.50 -11.32
CA TYR C 65 -43.40 5.32 -12.11
C TYR C 65 -42.95 4.00 -11.49
N THR C 66 -41.87 4.04 -10.69
CA THR C 66 -41.33 2.86 -10.03
C THR C 66 -42.29 2.25 -9.01
N THR C 67 -43.29 3.02 -8.57
CA THR C 67 -44.31 2.49 -7.65
C THR C 67 -45.63 2.20 -8.35
N GLN C 68 -45.78 2.62 -9.60
CA GLN C 68 -47.00 2.38 -10.35
C GLN C 68 -46.84 1.30 -11.42
N MET C 69 -45.69 1.28 -12.06
CA MET C 69 -45.51 0.45 -13.22
C MET C 69 -45.53 -1.03 -12.82
N GLN C 70 -45.98 -1.84 -13.76
CA GLN C 70 -46.17 -3.24 -13.52
C GLN C 70 -44.90 -3.90 -13.99
N GLY C 71 -44.36 -4.78 -13.16
CA GLY C 71 -43.16 -5.55 -13.47
C GLY C 71 -42.53 -6.01 -12.17
N PRO C 72 -41.99 -7.26 -12.15
CA PRO C 72 -41.29 -7.68 -10.94
C PRO C 72 -40.09 -6.80 -10.63
N ASN C 73 -39.60 -6.08 -11.62
CA ASN C 73 -38.53 -5.12 -11.37
C ASN C 73 -38.93 -3.81 -10.66
N TYR C 74 -40.23 -3.54 -10.54
CA TYR C 74 -40.71 -2.31 -9.93
C TYR C 74 -41.25 -2.48 -8.49
N ALA C 75 -41.37 -1.36 -7.76
CA ALA C 75 -41.90 -1.35 -6.39
C ALA C 75 -43.40 -1.13 -6.40
N ALA C 76 -44.07 -1.73 -7.37
CA ALA C 76 -45.50 -1.54 -7.56
C ALA C 76 -46.34 -2.48 -6.67
N THR C 77 -45.65 -3.30 -5.90
CA THR C 77 -46.24 -4.30 -5.06
C THR C 77 -45.63 -4.17 -3.69
N GLN C 78 -46.35 -4.72 -2.70
CA GLN C 78 -45.84 -4.75 -1.33
C GLN C 78 -44.40 -5.36 -1.29
N THR C 79 -44.26 -6.49 -1.97
CA THR C 79 -43.02 -7.28 -2.02
C THR C 79 -41.94 -6.57 -2.78
N GLY C 80 -42.33 -5.89 -3.85
CA GLY C 80 -41.38 -5.14 -4.65
C GLY C 80 -40.75 -4.02 -3.85
N LYS C 81 -41.56 -3.37 -3.02
CA LYS C 81 -41.07 -2.33 -2.11
C LYS C 81 -40.08 -2.83 -1.05
N ASP C 82 -40.30 -4.00 -0.44
CA ASP C 82 -39.21 -4.48 0.47
C ASP C 82 -37.93 -4.88 -0.26
N LYS C 83 -38.06 -5.45 -1.47
CA LYS C 83 -36.89 -5.82 -2.24
C LYS C 83 -36.01 -4.61 -2.44
N CYS C 84 -36.65 -3.50 -2.77
CA CYS C 84 -35.93 -2.27 -3.01
C CYS C 84 -35.23 -1.75 -1.77
N VAL C 85 -35.98 -1.69 -0.66
CA VAL C 85 -35.44 -1.21 0.62
C VAL C 85 -34.36 -2.18 1.12
N ARG C 86 -34.52 -3.45 0.78
CA ARG C 86 -33.51 -4.42 1.10
C ARG C 86 -32.20 -4.18 0.34
N ASP C 87 -32.28 -3.84 -0.95
CA ASP C 87 -31.07 -3.54 -1.72
C ASP C 87 -30.42 -2.30 -1.16
N ILE C 88 -31.22 -1.30 -0.86
CA ILE C 88 -30.70 -0.06 -0.26
C ILE C 88 -30.03 -0.37 1.08
N GLY C 89 -30.62 -1.26 1.86
CA GLY C 89 -29.99 -1.69 3.11
C GLY C 89 -28.67 -2.37 2.86
N TYR C 90 -28.60 -3.17 1.79
CA TYR C 90 -27.37 -3.87 1.43
C TYR C 90 -26.32 -2.84 1.14
N TYR C 91 -26.68 -1.80 0.39
CA TYR C 91 -25.75 -0.71 0.08
C TYR C 91 -25.20 -0.05 1.35
N LEU C 92 -26.11 0.36 2.22
CA LEU C 92 -25.70 0.98 3.46
C LEU C 92 -24.86 0.00 4.32
N ARG C 93 -25.31 -1.25 4.42
CA ARG C 93 -24.59 -2.23 5.18
C ARG C 93 -23.16 -2.34 4.63
N MET C 94 -23.01 -2.30 3.30
CA MET C 94 -21.68 -2.29 2.68
C MET C 94 -20.87 -1.04 2.99
N VAL C 95 -21.51 0.13 2.95
CA VAL C 95 -20.80 1.37 3.30
C VAL C 95 -20.19 1.26 4.71
N THR C 96 -20.97 0.74 5.64
CA THR C 96 -20.53 0.44 6.99
C THR C 96 -19.32 -0.51 7.04
N TYR C 97 -19.37 -1.55 6.21
CA TYR C 97 -18.32 -2.54 6.18
C TYR C 97 -17.00 -1.91 5.70
N CYS C 98 -17.10 -1.09 4.66
CA CYS C 98 -15.93 -0.38 4.16
C CYS C 98 -15.36 0.51 5.20
N LEU C 99 -16.21 1.12 6.00
CA LEU C 99 -15.77 2.00 7.07
C LEU C 99 -15.02 1.25 8.15
N VAL C 100 -15.57 0.13 8.59
CA VAL C 100 -14.90 -0.78 9.51
C VAL C 100 -13.55 -1.25 8.93
N VAL C 101 -13.57 -1.54 7.64
CA VAL C 101 -12.45 -2.06 6.90
C VAL C 101 -11.36 -1.02 6.52
N GLY C 102 -11.75 0.25 6.39
CA GLY C 102 -10.82 1.28 5.93
C GLY C 102 -10.54 1.14 4.46
N GLY C 103 -11.52 0.62 3.75
CA GLY C 103 -11.36 0.38 2.33
C GLY C 103 -12.63 -0.05 1.66
N THR C 104 -12.61 0.04 0.33
CA THR C 104 -13.74 -0.34 -0.50
C THR C 104 -13.94 -1.85 -0.67
N GLY C 105 -13.03 -2.64 -0.13
CA GLY C 105 -13.04 -4.11 -0.31
C GLY C 105 -14.36 -4.82 -0.11
N PRO C 106 -15.01 -4.61 1.03
CA PRO C 106 -16.28 -5.25 1.25
C PRO C 106 -17.28 -4.93 0.16
N MET C 107 -17.27 -3.69 -0.31
CA MET C 107 -18.22 -3.30 -1.33
C MET C 107 -17.90 -3.91 -2.70
N ASP C 108 -16.62 -3.99 -2.97
CA ASP C 108 -16.15 -4.56 -4.21
C ASP C 108 -16.54 -6.01 -4.28
N ASP C 109 -16.27 -6.75 -3.21
CA ASP C 109 -16.47 -8.20 -3.21
C ASP C 109 -17.96 -8.58 -3.09
N TYR C 110 -18.71 -7.80 -2.33
CA TYR C 110 -20.06 -8.19 -1.98
C TYR C 110 -21.19 -7.52 -2.79
N LEU C 111 -20.91 -6.34 -3.31
CA LEU C 111 -21.89 -5.56 -4.03
C LEU C 111 -21.46 -5.22 -5.45
N ILE C 112 -20.27 -4.66 -5.63
CA ILE C 112 -19.92 -4.06 -6.94
C ILE C 112 -19.53 -5.09 -8.00
N GLY C 113 -18.80 -6.14 -7.63
CA GLY C 113 -18.46 -7.21 -8.59
C GLY C 113 -19.76 -7.86 -9.10
N GLY C 114 -20.09 -7.65 -10.36
CA GLY C 114 -21.22 -8.36 -10.98
C GLY C 114 -22.54 -7.62 -10.87
N LEU C 115 -22.49 -6.45 -10.28
CA LEU C 115 -23.65 -5.60 -10.15
C LEU C 115 -24.33 -5.25 -11.48
N ALA C 116 -23.50 -4.87 -12.47
CA ALA C 116 -23.96 -4.44 -13.78
C ALA C 116 -24.75 -5.53 -14.45
N GLU C 117 -24.36 -6.79 -14.21
CA GLU C 117 -25.08 -7.95 -14.74
C GLU C 117 -26.39 -8.11 -14.04
N ILE C 118 -26.38 -7.91 -12.74
CA ILE C 118 -27.60 -7.99 -11.95
C ILE C 118 -28.65 -6.95 -12.37
N ASN C 119 -28.18 -5.71 -12.49
CA ASN C 119 -29.04 -4.61 -12.86
C ASN C 119 -29.57 -4.79 -14.28
N LYS C 120 -28.73 -5.27 -15.18
CA LYS C 120 -29.16 -5.46 -16.56
C LYS C 120 -30.19 -6.57 -16.58
N THR C 121 -29.84 -7.66 -15.93
CA THR C 121 -30.64 -8.87 -16.00
C THR C 121 -32.00 -8.75 -15.31
N PHE C 122 -32.06 -8.03 -14.19
CA PHE C 122 -33.34 -7.79 -13.50
C PHE C 122 -33.99 -6.46 -13.87
N GLU C 123 -33.40 -5.75 -14.83
CA GLU C 123 -33.98 -4.52 -15.36
C GLU C 123 -34.14 -3.46 -14.29
N LEU C 124 -33.11 -3.32 -13.46
CA LEU C 124 -33.05 -2.32 -12.39
C LEU C 124 -32.19 -1.17 -12.85
N SER C 125 -32.63 0.04 -12.60
CA SER C 125 -31.92 1.21 -13.12
C SER C 125 -30.88 1.70 -12.13
N PRO C 126 -29.63 1.82 -12.58
CA PRO C 126 -28.54 2.39 -11.78
C PRO C 126 -28.89 3.72 -11.16
N SER C 127 -29.68 4.52 -11.88
CA SER C 127 -30.04 5.86 -11.45
C SER C 127 -30.90 5.88 -10.20
N TRP C 128 -31.67 4.81 -9.97
CA TRP C 128 -32.43 4.61 -8.72
C TRP C 128 -31.49 4.56 -7.52
N TYR C 129 -30.46 3.71 -7.64
CA TYR C 129 -29.58 3.47 -6.52
C TYR C 129 -28.68 4.66 -6.32
N ILE C 130 -28.36 5.34 -7.41
CA ILE C 130 -27.56 6.56 -7.33
C ILE C 130 -28.28 7.60 -6.47
N GLU C 131 -29.60 7.69 -6.62
CA GLU C 131 -30.37 8.67 -5.89
C GLU C 131 -30.34 8.37 -4.39
N ALA C 132 -30.55 7.11 -4.04
CA ALA C 132 -30.54 6.68 -2.66
C ALA C 132 -29.20 6.93 -1.97
N LEU C 133 -28.11 6.59 -2.65
CA LEU C 133 -26.78 6.89 -2.12
C LEU C 133 -26.62 8.39 -1.87
N LYS C 134 -27.15 9.20 -2.77
CA LYS C 134 -27.11 10.66 -2.58
C LYS C 134 -27.97 11.10 -1.40
N TYR C 135 -29.12 10.48 -1.23
CA TYR C 135 -29.95 10.80 -0.09
C TYR C 135 -29.23 10.42 1.22
N ILE C 136 -28.56 9.27 1.24
CA ILE C 136 -27.89 8.84 2.46
C ILE C 136 -26.76 9.79 2.82
N LYS C 137 -26.08 10.27 1.78
CA LYS C 137 -24.99 11.20 1.91
C LYS C 137 -25.48 12.48 2.54
N ALA C 138 -26.67 12.90 2.16
CA ALA C 138 -27.24 14.14 2.63
C ALA C 138 -27.80 14.01 4.02
N ASN C 139 -28.13 12.79 4.44
CA ASN C 139 -28.93 12.65 5.65
C ASN C 139 -28.29 11.94 6.82
N HIS C 140 -27.08 11.40 6.67
CA HIS C 140 -26.44 10.68 7.76
C HIS C 140 -26.12 11.60 8.93
N GLY C 141 -25.86 12.87 8.67
CA GLY C 141 -25.53 13.81 9.74
C GLY C 141 -24.20 13.58 10.48
N LEU C 142 -23.34 12.76 9.90
CA LEU C 142 -21.98 12.68 10.31
C LEU C 142 -21.27 13.99 10.01
N SER C 143 -20.19 14.22 10.76
CA SER C 143 -19.29 15.34 10.52
C SER C 143 -17.84 14.89 10.60
N GLY C 144 -16.95 15.79 10.19
CA GLY C 144 -15.51 15.53 10.22
C GLY C 144 -15.05 14.42 9.32
N ASP C 145 -13.95 13.79 9.71
CA ASP C 145 -13.35 12.66 8.98
C ASP C 145 -14.32 11.49 8.75
N PRO C 146 -15.18 11.17 9.74
CA PRO C 146 -16.23 10.14 9.54
C PRO C 146 -17.10 10.41 8.34
N ALA C 147 -17.55 11.65 8.20
CA ALA C 147 -18.36 12.01 7.06
C ALA C 147 -17.56 11.89 5.76
N VAL C 148 -16.29 12.26 5.81
CA VAL C 148 -15.47 12.29 4.61
C VAL C 148 -15.20 10.90 4.09
N GLU C 149 -14.93 9.97 4.98
CA GLU C 149 -14.66 8.61 4.59
C GLU C 149 -15.96 7.93 4.18
N ALA C 150 -17.03 8.22 4.91
CA ALA C 150 -18.33 7.64 4.61
C ALA C 150 -18.74 8.10 3.23
N ASN C 151 -18.58 9.38 2.99
CA ASN C 151 -18.86 9.91 1.68
C ASN C 151 -17.96 9.38 0.58
N SER C 152 -16.73 9.03 0.89
CA SER C 152 -15.86 8.38 -0.10
C SER C 152 -16.48 7.08 -0.64
N TYR C 153 -17.04 6.27 0.24
CA TYR C 153 -17.63 5.00 -0.16
C TYR C 153 -18.96 5.16 -0.85
N LEU C 154 -19.81 6.06 -0.35
CA LEU C 154 -21.07 6.39 -1.02
C LEU C 154 -20.76 6.93 -2.44
N ASP C 155 -19.82 7.87 -2.55
CA ASP C 155 -19.42 8.40 -3.87
C ASP C 155 -18.75 7.34 -4.74
N TYR C 156 -18.03 6.42 -4.11
CA TYR C 156 -17.41 5.32 -4.84
C TYR C 156 -18.46 4.45 -5.48
N ALA C 157 -19.56 4.22 -4.74
CA ALA C 157 -20.67 3.41 -5.24
C ALA C 157 -21.37 4.13 -6.37
N ILE C 158 -21.41 5.45 -6.34
CA ILE C 158 -22.05 6.21 -7.41
C ILE C 158 -21.20 6.16 -8.68
N ASN C 159 -19.89 6.26 -8.54
CA ASN C 159 -19.02 6.10 -9.70
C ASN C 159 -19.15 4.73 -10.32
N ALA C 160 -19.38 3.75 -9.46
CA ALA C 160 -19.49 2.37 -9.84
C ALA C 160 -20.73 2.15 -10.66
N LEU C 161 -21.75 2.94 -10.37
CA LEU C 161 -23.01 2.85 -11.09
C LEU C 161 -23.10 3.79 -12.26
N SER C 162 -22.16 4.72 -12.36
CA SER C 162 -22.23 5.79 -13.33
C SER C 162 -21.08 5.61 -14.30
N MET D 1 -7.65 -12.00 0.65
CA MET D 1 -7.28 -12.28 2.07
C MET D 1 -8.07 -11.35 2.96
N PHE D 2 -8.14 -11.69 4.23
CA PHE D 2 -8.76 -10.82 5.20
C PHE D 2 -7.71 -10.20 6.10
N ASP D 3 -8.09 -9.12 6.78
CA ASP D 3 -7.36 -8.66 7.94
C ASP D 3 -8.30 -8.64 9.13
N ALA D 4 -7.83 -8.13 10.25
CA ALA D 4 -8.65 -8.13 11.46
C ALA D 4 -10.03 -7.56 11.18
N PHE D 5 -10.06 -6.46 10.42
CA PHE D 5 -11.27 -5.70 10.22
C PHE D 5 -12.20 -6.39 9.25
N THR D 6 -11.66 -6.89 8.15
CA THR D 6 -12.51 -7.59 7.21
C THR D 6 -12.98 -8.96 7.71
N LYS D 7 -12.25 -9.54 8.64
CA LYS D 7 -12.65 -10.81 9.18
C LYS D 7 -13.95 -10.64 9.95
N VAL D 8 -14.03 -9.61 10.77
CA VAL D 8 -15.23 -9.31 11.52
C VAL D 8 -16.37 -8.98 10.51
N VAL D 9 -16.02 -8.29 9.42
CA VAL D 9 -16.97 -7.92 8.40
C VAL D 9 -17.51 -9.15 7.70
N SER D 10 -16.66 -10.10 7.34
CA SER D 10 -17.13 -11.31 6.68
C SER D 10 -18.04 -12.10 7.62
N GLN D 11 -17.69 -12.12 8.91
CA GLN D 11 -18.50 -12.84 9.89
C GLN D 11 -19.86 -12.17 9.99
N ALA D 12 -19.90 -10.84 9.91
CA ALA D 12 -21.19 -10.14 9.94
C ALA D 12 -21.99 -10.34 8.65
N ASP D 13 -21.32 -10.35 7.51
CA ASP D 13 -22.01 -10.43 6.24
C ASP D 13 -22.66 -11.79 6.06
N ALA D 14 -21.95 -12.83 6.48
CA ALA D 14 -22.54 -14.15 6.55
C ALA D 14 -23.91 -14.13 7.25
N ARG D 15 -24.05 -13.27 8.25
CA ARG D 15 -25.28 -13.12 9.04
C ARG D 15 -26.22 -11.98 8.57
N GLY D 16 -25.94 -11.36 7.42
CA GLY D 16 -26.65 -10.14 7.00
C GLY D 16 -26.75 -9.05 8.06
N ALA D 17 -25.74 -8.96 8.92
CA ALA D 17 -25.80 -8.11 10.11
C ALA D 17 -24.86 -6.93 9.98
N TYR D 18 -25.22 -5.82 10.61
CA TYR D 18 -24.26 -4.78 10.91
C TYR D 18 -23.32 -5.28 12.02
N LEU D 19 -22.08 -4.80 12.04
CA LEU D 19 -21.17 -5.14 13.13
C LEU D 19 -21.67 -4.63 14.44
N THR D 20 -21.51 -5.46 15.45
CA THR D 20 -21.98 -5.10 16.76
C THR D 20 -21.00 -4.12 17.40
N THR D 21 -21.53 -3.29 18.30
CA THR D 21 -20.73 -2.29 18.96
C THR D 21 -19.63 -2.99 19.78
N ASP D 22 -19.93 -4.19 20.31
CA ASP D 22 -18.93 -5.02 20.97
C ASP D 22 -17.80 -5.41 20.02
N GLN D 23 -18.16 -5.84 18.81
CA GLN D 23 -17.17 -6.22 17.81
C GLN D 23 -16.27 -5.03 17.50
N ILE D 24 -16.87 -3.86 17.37
CA ILE D 24 -16.14 -2.64 17.08
C ILE D 24 -15.22 -2.25 18.25
N ASP D 25 -15.70 -2.48 19.47
CA ASP D 25 -14.89 -2.24 20.66
C ASP D 25 -13.59 -3.07 20.64
N ALA D 26 -13.68 -4.35 20.25
CA ALA D 26 -12.50 -5.23 20.14
C ALA D 26 -11.53 -4.77 19.06
N LEU D 27 -12.06 -4.25 17.96
CA LEU D 27 -11.21 -3.71 16.91
C LEU D 27 -10.55 -2.46 17.39
N THR D 28 -11.31 -1.57 18.01
CA THR D 28 -10.75 -0.37 18.62
C THR D 28 -9.66 -0.74 19.63
N ALA D 29 -9.77 -1.90 20.28
CA ALA D 29 -8.70 -2.40 21.16
C ALA D 29 -7.40 -2.78 20.41
N LEU D 30 -7.57 -3.46 19.28
CA LEU D 30 -6.49 -3.82 18.40
C LEU D 30 -5.80 -2.58 17.85
N VAL D 31 -6.60 -1.59 17.46
CA VAL D 31 -6.08 -0.31 16.97
C VAL D 31 -5.25 0.42 18.03
N SER D 32 -5.70 0.41 19.28
CA SER D 32 -4.96 1.09 20.35
C SER D 32 -3.60 0.43 20.60
N ASP D 33 -3.52 -0.88 20.33
CA ASP D 33 -2.28 -1.63 20.41
C ASP D 33 -1.54 -1.74 19.08
N GLY D 34 -1.91 -0.93 18.09
CA GLY D 34 -1.29 -1.02 16.76
C GLY D 34 0.21 -0.76 16.71
N ASN D 35 0.70 0.15 17.54
CA ASN D 35 2.14 0.44 17.56
C ASN D 35 2.97 -0.79 17.88
N LYS D 36 2.52 -1.53 18.88
CA LYS D 36 3.18 -2.74 19.33
C LYS D 36 3.16 -3.83 18.25
N ARG D 37 2.04 -3.94 17.57
CA ARG D 37 1.92 -4.90 16.50
C ARG D 37 2.94 -4.60 15.40
N MET D 38 3.17 -3.32 15.08
CA MET D 38 4.21 -2.95 14.12
C MET D 38 5.57 -3.35 14.58
N ASP D 39 5.83 -3.09 15.85
CA ASP D 39 7.10 -3.43 16.44
C ASP D 39 7.40 -4.92 16.20
N VAL D 40 6.38 -5.76 16.40
CA VAL D 40 6.54 -7.21 16.21
C VAL D 40 6.92 -7.57 14.79
N VAL D 41 6.23 -6.97 13.83
CA VAL D 41 6.53 -7.17 12.41
C VAL D 41 7.93 -6.66 12.13
N ASN D 42 8.20 -5.48 12.65
CA ASN D 42 9.43 -4.80 12.33
C ASN D 42 10.63 -5.60 12.83
N ARG D 43 10.48 -6.17 14.02
CA ARG D 43 11.56 -6.81 14.70
C ARG D 43 11.82 -8.17 14.13
N ILE D 44 10.77 -8.89 13.83
CA ILE D 44 10.97 -10.20 13.26
C ILE D 44 11.59 -10.08 11.86
N THR D 45 11.04 -9.22 11.00
CA THR D 45 11.56 -9.05 9.64
C THR D 45 12.99 -8.49 9.72
N SER D 46 13.24 -7.59 10.69
CA SER D 46 14.56 -6.98 10.84
C SER D 46 15.63 -8.02 11.20
N ASN D 47 15.20 -9.11 11.83
CA ASN D 47 16.09 -10.14 12.32
C ASN D 47 15.83 -11.50 11.67
N SER D 48 15.21 -11.48 10.50
CA SER D 48 14.71 -12.73 9.95
C SER D 48 15.81 -13.64 9.39
N SER D 49 16.92 -13.06 8.93
CA SER D 49 18.13 -13.86 8.62
C SER D 49 18.68 -14.68 9.78
N LYS D 50 18.85 -14.06 10.94
CA LYS D 50 19.18 -14.74 12.21
C LYS D 50 18.21 -15.87 12.53
N ILE D 51 16.91 -15.58 12.42
CA ILE D 51 15.86 -16.52 12.79
C ILE D 51 15.85 -17.75 11.90
N VAL D 52 15.93 -17.56 10.59
CA VAL D 52 15.98 -18.74 9.67
C VAL D 52 17.26 -19.56 9.87
N ALA D 53 18.40 -18.90 10.01
CA ALA D 53 19.69 -19.56 10.19
C ALA D 53 19.81 -20.28 11.55
N ASP D 54 19.41 -19.60 12.62
CA ASP D 54 19.40 -20.21 13.96
C ASP D 54 18.43 -21.37 14.12
N ALA D 55 17.24 -21.25 13.53
CA ALA D 55 16.25 -22.29 13.61
C ALA D 55 16.70 -23.51 12.81
N ALA D 56 17.31 -23.25 11.65
CA ALA D 56 17.76 -24.33 10.79
C ALA D 56 18.92 -25.04 11.44
N ARG D 57 19.85 -24.26 11.97
CA ARG D 57 21.05 -24.81 12.63
C ARG D 57 20.65 -25.81 13.74
N SER D 58 19.67 -25.41 14.54
CA SER D 58 19.13 -26.22 15.65
C SER D 58 18.42 -27.46 15.13
N LEU D 59 17.57 -27.28 14.11
CA LEU D 59 16.85 -28.40 13.50
C LEU D 59 17.81 -29.48 13.02
N PHE D 60 18.92 -29.07 12.41
CA PHE D 60 19.85 -30.05 11.86
C PHE D 60 20.64 -30.74 12.96
N ALA D 61 20.93 -30.00 14.02
CA ALA D 61 21.62 -30.52 15.18
C ALA D 61 20.72 -31.55 15.89
N GLU D 62 19.41 -31.28 15.90
CA GLU D 62 18.47 -32.13 16.59
C GLU D 62 18.09 -33.33 15.75
N GLN D 63 18.01 -33.14 14.43
CA GLN D 63 17.70 -34.23 13.50
C GLN D 63 18.85 -34.35 12.49
N PRO D 64 20.00 -34.89 12.92
CA PRO D 64 21.18 -34.91 12.07
C PRO D 64 21.02 -35.72 10.79
N GLN D 65 20.06 -36.64 10.78
CA GLN D 65 19.85 -37.51 9.63
C GLN D 65 19.40 -36.68 8.41
N LEU D 66 18.86 -35.49 8.67
CA LEU D 66 18.52 -34.57 7.59
C LEU D 66 19.73 -34.11 6.76
N ILE D 67 20.85 -33.81 7.41
CA ILE D 67 22.02 -33.34 6.66
C ILE D 67 23.04 -34.44 6.36
N ALA D 68 22.79 -35.63 6.87
CA ALA D 68 23.58 -36.80 6.50
C ALA D 68 23.35 -37.10 5.01
N PRO D 69 24.36 -37.69 4.35
CA PRO D 69 24.17 -38.10 2.97
C PRO D 69 22.91 -38.93 2.81
N GLY D 70 22.18 -38.70 1.72
CA GLY D 70 20.88 -39.33 1.53
C GLY D 70 19.73 -38.59 2.21
N GLY D 71 20.06 -37.65 3.09
CA GLY D 71 19.07 -36.91 3.84
C GLY D 71 18.35 -35.89 3.00
N MEN D 72 17.20 -35.41 3.47
CA MEN D 72 16.37 -34.50 2.66
C MEN D 72 16.96 -33.10 2.57
O MEN D 72 16.71 -32.39 1.60
CB MEN D 72 14.92 -34.45 3.12
CG MEN D 72 14.01 -33.98 1.99
OD1 MEN D 72 13.33 -32.92 2.06
ND2 MEN D 72 13.94 -34.75 0.92
CE2 MEN D 72 13.09 -34.46 -0.24
N ALA D 73 17.77 -32.68 3.55
CA ALA D 73 18.49 -31.40 3.44
C ALA D 73 19.95 -31.55 2.99
N TYR D 74 20.30 -32.73 2.53
CA TYR D 74 21.65 -33.00 1.99
C TYR D 74 21.74 -32.56 0.53
N THR D 75 22.87 -31.96 0.19
CA THR D 75 23.12 -31.29 -1.11
C THR D 75 22.65 -29.85 -1.02
N SER D 76 23.39 -28.98 -1.69
CA SER D 76 23.16 -27.55 -1.59
C SER D 76 21.77 -27.16 -2.03
N ARG D 77 21.29 -27.83 -3.08
CA ARG D 77 20.01 -27.55 -3.73
C ARG D 77 18.87 -27.79 -2.77
N ARG D 78 18.94 -28.92 -2.09
CA ARG D 78 17.92 -29.33 -1.16
C ARG D 78 17.99 -28.52 0.12
N MET D 79 19.22 -28.18 0.54
CA MET D 79 19.43 -27.29 1.67
C MET D 79 18.92 -25.89 1.35
N ALA D 80 19.25 -25.39 0.16
CA ALA D 80 18.78 -24.07 -0.27
C ALA D 80 17.25 -24.01 -0.29
N ALA D 81 16.64 -25.09 -0.78
CA ALA D 81 15.19 -25.19 -0.88
C ALA D 81 14.59 -25.14 0.53
N CYS D 82 15.25 -25.81 1.46
CA CYS D 82 14.76 -25.89 2.82
C CYS D 82 14.82 -24.50 3.49
N LEU D 83 15.97 -23.86 3.33
CA LEU D 83 16.17 -22.57 3.94
C LEU D 83 15.15 -21.58 3.36
N ARG D 84 14.93 -21.68 2.05
CA ARG D 84 13.92 -20.87 1.35
C ARG D 84 12.53 -21.15 1.94
N ASP D 85 12.26 -22.42 2.25
CA ASP D 85 10.97 -22.81 2.81
C ASP D 85 10.72 -22.15 4.17
N MET D 86 11.73 -22.16 5.01
CA MET D 86 11.60 -21.56 6.32
C MET D 86 11.37 -20.07 6.21
N GLU D 87 12.09 -19.47 5.28
CA GLU D 87 12.00 -18.07 5.01
C GLU D 87 10.62 -17.65 4.47
N ILE D 88 10.09 -18.41 3.50
CA ILE D 88 8.75 -18.17 2.98
C ILE D 88 7.67 -18.25 4.07
N ILE D 89 7.80 -19.23 4.96
CA ILE D 89 6.80 -19.42 6.00
C ILE D 89 6.89 -18.28 7.03
N LEU D 90 8.11 -17.95 7.41
CA LEU D 90 8.30 -16.85 8.36
C LEU D 90 7.74 -15.54 7.77
N ARG D 91 7.87 -15.39 6.45
CA ARG D 91 7.37 -14.24 5.73
C ARG D 91 5.85 -14.18 5.78
N TYR D 92 5.21 -15.30 5.53
CA TYR D 92 3.75 -15.36 5.67
C TYR D 92 3.24 -15.20 7.09
N VAL D 93 4.04 -15.65 8.07
CA VAL D 93 3.68 -15.40 9.47
C VAL D 93 3.68 -13.90 9.78
N THR D 94 4.70 -13.19 9.29
CA THR D 94 4.81 -11.76 9.56
C THR D 94 3.67 -11.02 8.87
N TYR D 95 3.26 -11.53 7.70
CA TYR D 95 2.04 -11.07 7.04
C TYR D 95 0.79 -11.24 7.91
N ALA D 96 0.67 -12.36 8.62
CA ALA D 96 -0.50 -12.61 9.48
C ALA D 96 -0.47 -11.75 10.73
N ILE D 97 0.67 -11.63 11.39
CA ILE D 97 0.70 -10.78 12.56
C ILE D 97 0.52 -9.31 12.16
N PHE D 98 0.89 -8.95 10.92
CA PHE D 98 0.66 -7.60 10.41
C PHE D 98 -0.81 -7.35 10.16
N SER D 99 -1.44 -8.21 9.37
CA SER D 99 -2.86 -8.07 9.06
C SER D 99 -3.80 -8.37 10.27
N GLY D 100 -3.31 -9.11 11.26
CA GLY D 100 -4.17 -9.50 12.38
C GLY D 100 -5.09 -10.66 12.04
N ASP D 101 -4.77 -11.35 10.95
CA ASP D 101 -5.59 -12.45 10.48
C ASP D 101 -4.74 -13.41 9.67
N ALA D 102 -5.17 -14.67 9.74
CA ALA D 102 -4.43 -15.80 9.29
C ALA D 102 -4.64 -16.17 7.82
N SER D 103 -5.66 -15.60 7.19
CA SER D 103 -6.09 -16.08 5.88
C SER D 103 -4.98 -16.00 4.81
N VAL D 104 -4.18 -14.95 4.83
CA VAL D 104 -3.11 -14.84 3.84
C VAL D 104 -2.14 -16.05 3.93
N LEU D 105 -1.85 -16.45 5.17
CA LEU D 105 -0.95 -17.57 5.49
C LEU D 105 -1.59 -18.86 4.99
N ASP D 106 -2.91 -18.95 5.18
CA ASP D 106 -3.68 -20.11 4.68
C ASP D 106 -3.72 -20.18 3.17
N ASP D 107 -4.07 -19.07 2.56
CA ASP D 107 -4.42 -19.07 1.14
C ASP D 107 -3.23 -19.20 0.20
N ARG D 108 -2.15 -18.51 0.51
CA ARG D 108 -1.07 -18.40 -0.44
C ARG D 108 0.14 -19.25 -0.09
N CYS D 109 0.14 -19.85 1.11
CA CYS D 109 1.29 -20.57 1.64
C CYS D 109 0.89 -21.96 2.05
N LEU D 110 0.04 -22.08 3.07
CA LEU D 110 -0.22 -23.37 3.74
C LEU D 110 -1.13 -24.31 2.96
N ASN D 111 -2.00 -23.74 2.15
CA ASN D 111 -3.00 -24.49 1.41
C ASN D 111 -2.40 -25.39 0.35
N GLY D 112 -2.52 -26.71 0.52
CA GLY D 112 -1.97 -27.69 -0.44
C GLY D 112 -0.49 -28.06 -0.21
N LEU D 113 0.14 -27.43 0.77
CA LEU D 113 1.56 -27.59 0.98
C LEU D 113 1.87 -28.97 1.50
N ARG D 114 0.95 -29.50 2.31
CA ARG D 114 1.10 -30.84 2.89
C ARG D 114 1.23 -31.88 1.76
N GLU D 115 0.33 -31.78 0.79
CA GLU D 115 0.31 -32.67 -0.34
C GLU D 115 1.60 -32.50 -1.17
N THR D 116 2.05 -31.25 -1.28
CA THR D 116 3.27 -30.94 -2.02
C THR D 116 4.47 -31.67 -1.41
N TYR D 117 4.58 -31.60 -0.09
CA TYR D 117 5.66 -32.28 0.61
C TYR D 117 5.59 -33.82 0.50
N ILE D 118 4.38 -34.38 0.51
CA ILE D 118 4.26 -35.83 0.36
C ILE D 118 4.74 -36.26 -1.01
N ALA D 119 4.28 -35.57 -2.04
CA ALA D 119 4.74 -35.81 -3.41
C ALA D 119 6.25 -35.64 -3.50
N LEU D 120 6.77 -34.56 -2.93
CA LEU D 120 8.20 -34.29 -3.01
C LEU D 120 9.04 -35.27 -2.19
N GLY D 121 8.46 -35.81 -1.12
CA GLY D 121 9.16 -36.71 -0.23
C GLY D 121 9.80 -35.95 0.90
N THR D 122 9.39 -34.70 1.07
CA THR D 122 9.94 -33.84 2.12
C THR D 122 9.30 -34.24 3.43
N PRO D 123 10.10 -34.30 4.52
CA PRO D 123 9.49 -34.67 5.81
C PRO D 123 8.75 -33.49 6.44
N GLY D 124 7.44 -33.44 6.25
CA GLY D 124 6.59 -32.37 6.75
C GLY D 124 6.68 -32.16 8.24
N ALA D 125 6.88 -33.21 9.02
CA ALA D 125 7.01 -33.05 10.46
C ALA D 125 8.29 -32.31 10.82
N SER D 126 9.35 -32.56 10.08
CA SER D 126 10.63 -31.87 10.28
C SER D 126 10.53 -30.35 9.99
N VAL D 127 9.85 -30.00 8.89
CA VAL D 127 9.54 -28.63 8.53
C VAL D 127 8.89 -27.96 9.73
N ALA D 128 7.98 -28.70 10.35
CA ALA D 128 7.20 -28.22 11.47
C ALA D 128 8.06 -27.89 12.70
N VAL D 129 9.06 -28.72 12.98
CA VAL D 129 9.97 -28.47 14.12
C VAL D 129 10.80 -27.24 13.84
N GLY D 130 11.13 -27.04 12.58
CA GLY D 130 11.81 -25.84 12.14
C GLY D 130 10.94 -24.60 12.30
N VAL D 131 9.66 -24.74 12.02
CA VAL D 131 8.74 -23.66 12.25
C VAL D 131 8.67 -23.37 13.75
N GLU D 132 8.61 -24.44 14.53
CA GLU D 132 8.54 -24.33 15.98
C GLU D 132 9.75 -23.59 16.50
N LYS D 133 10.89 -23.82 15.87
CA LYS D 133 12.13 -23.22 16.32
C LYS D 133 12.14 -21.73 16.05
N MET D 134 11.62 -21.37 14.89
CA MET D 134 11.55 -19.97 14.47
C MET D 134 10.61 -19.20 15.40
N LYS D 135 9.55 -19.87 15.83
CA LYS D 135 8.58 -19.30 16.74
C LYS D 135 9.20 -18.85 18.06
N GLN D 136 10.06 -19.69 18.64
CA GLN D 136 10.66 -19.33 19.92
C GLN D 136 11.56 -18.11 19.73
N ALA D 137 12.33 -18.12 18.65
CA ALA D 137 13.33 -17.08 18.42
C ALA D 137 12.67 -15.77 18.02
N ALA D 138 11.64 -15.83 17.18
CA ALA D 138 10.89 -14.65 16.79
C ALA D 138 10.25 -13.95 18.00
N LEU D 139 9.67 -14.75 18.91
CA LEU D 139 9.05 -14.24 20.12
C LEU D 139 10.08 -13.64 21.07
N ALA D 140 11.24 -14.27 21.17
CA ALA D 140 12.28 -13.74 22.05
C ALA D 140 12.76 -12.40 21.52
N ILE D 141 12.93 -12.32 20.21
CA ILE D 141 13.25 -11.05 19.58
C ILE D 141 12.09 -10.06 19.72
N ALA D 142 10.90 -10.49 19.35
CA ALA D 142 9.72 -9.63 19.39
C ALA D 142 9.40 -9.12 20.79
N GLY D 143 9.53 -10.00 21.78
CA GLY D 143 9.16 -9.69 23.18
C GLY D 143 10.28 -9.05 23.99
N ASP D 144 11.44 -8.87 23.40
CA ASP D 144 12.59 -8.30 24.10
C ASP D 144 12.25 -6.90 24.66
N THR D 145 12.53 -6.67 25.93
CA THR D 145 12.11 -5.41 26.62
C THR D 145 13.11 -4.27 26.44
N SER D 146 14.19 -4.52 25.69
CA SER D 146 15.27 -3.55 25.48
C SER D 146 15.11 -2.69 24.22
N GLY D 147 15.55 -1.44 24.30
CA GLY D 147 15.53 -0.52 23.17
C GLY D 147 14.14 -0.17 22.72
N ILE D 148 13.17 -0.31 23.63
CA ILE D 148 11.78 -0.08 23.30
C ILE D 148 11.04 0.43 24.54
N THR D 149 9.93 1.15 24.32
CA THR D 149 9.05 1.60 25.38
C THR D 149 8.44 0.41 26.09
N PRO D 150 8.54 0.37 27.43
CA PRO D 150 8.05 -0.81 28.14
C PRO D 150 6.55 -0.80 28.15
N GLY D 151 5.96 -1.98 27.99
CA GLY D 151 4.54 -2.19 28.08
C GLY D 151 4.28 -3.68 27.96
N ASP D 152 3.02 -4.04 27.73
CA ASP D 152 2.64 -5.43 27.65
C ASP D 152 2.30 -5.82 26.21
N CYS D 153 3.06 -6.78 25.65
CA CYS D 153 2.78 -7.29 24.30
C CYS D 153 2.27 -8.74 24.34
N ALA D 154 1.63 -9.09 25.46
CA ALA D 154 1.21 -10.47 25.72
C ALA D 154 0.21 -11.01 24.71
N SER D 155 -0.77 -10.17 24.35
CA SER D 155 -1.84 -10.57 23.45
C SER D 155 -1.25 -10.93 22.10
N ILE D 156 -0.41 -10.01 21.63
CA ILE D 156 0.19 -10.14 20.32
C ILE D 156 1.07 -11.38 20.27
N MET D 157 1.80 -11.65 21.36
CA MET D 157 2.68 -12.82 21.41
C MET D 157 1.90 -14.15 21.30
N SER D 158 0.76 -14.25 21.99
CA SER D 158 -0.09 -15.44 21.87
C SER D 158 -0.57 -15.54 20.44
N GLU D 159 -0.91 -14.39 19.89
CA GLU D 159 -1.43 -14.34 18.56
C GLU D 159 -0.35 -14.71 17.54
N VAL D 160 0.88 -14.25 17.74
CA VAL D 160 1.98 -14.68 16.86
C VAL D 160 2.16 -16.20 16.95
N ALA D 161 2.12 -16.70 18.19
CA ALA D 161 2.37 -18.08 18.49
C ALA D 161 1.38 -18.91 17.73
N SER D 162 0.16 -18.36 17.62
CA SER D 162 -0.94 -19.03 16.91
C SER D 162 -0.59 -19.28 15.47
N TYR D 163 -0.06 -18.24 14.83
CA TYR D 163 0.23 -18.28 13.39
C TYR D 163 1.30 -19.30 13.12
N PHE D 164 2.31 -19.31 13.99
CA PHE D 164 3.36 -20.31 13.88
C PHE D 164 2.79 -21.74 14.04
N ASP D 165 2.05 -21.97 15.10
CA ASP D 165 1.44 -23.27 15.35
C ASP D 165 0.54 -23.68 14.19
N ARG D 166 -0.10 -22.70 13.59
CA ARG D 166 -0.97 -22.98 12.43
C ARG D 166 -0.15 -23.45 11.23
N ALA D 167 0.92 -22.72 10.93
CA ALA D 167 1.81 -23.09 9.85
C ALA D 167 2.40 -24.46 10.07
N ALA D 168 2.79 -24.74 11.31
CA ALA D 168 3.30 -26.07 11.68
C ALA D 168 2.27 -27.18 11.51
N ALA D 169 1.03 -26.93 11.89
CA ALA D 169 -0.05 -27.90 11.67
C ALA D 169 -0.34 -28.21 10.19
N ALA D 170 -0.10 -27.24 9.32
CA ALA D 170 -0.49 -27.41 7.91
C ALA D 170 0.49 -28.27 7.11
N VAL D 171 1.76 -28.24 7.50
CA VAL D 171 2.80 -29.01 6.83
C VAL D 171 2.81 -30.45 7.28
N ALA D 172 2.30 -30.67 8.50
CA ALA D 172 2.13 -32.00 9.11
C ALA D 172 1.34 -32.95 8.22
CHA CYC E . 35.46 -2.36 -5.05
NA CYC E . 33.11 -2.01 -4.37
C1A CYC E . 34.04 -2.22 -5.33
C2A CYC E . 33.56 -2.28 -6.71
C3A CYC E . 32.10 -2.11 -6.53
C4A CYC E . 31.95 -1.92 -5.06
CMA CYC E . 31.12 -2.12 -7.66
CAA CYC E . 34.34 -2.54 -7.95
CBA CYC E . 34.28 -1.38 -8.91
CGA CYC E . 35.13 -0.30 -8.39
O1A CYC E . 34.52 0.71 -8.02
O2A CYC E . 36.37 -0.45 -8.38
CHB CYC E . 30.72 -1.61 -4.28
NB CYC E . 29.57 -0.28 -6.04
C1B CYC E . 29.64 -0.74 -4.78
C2B CYC E . 28.44 -0.38 -3.96
C3B CYC E . 27.59 0.39 -4.89
C4B CYC E . 28.42 0.37 -6.13
CMB CYC E . 28.16 -0.70 -2.51
CAB CYC E . 26.24 1.00 -4.57
CBB CYC E . 26.04 2.37 -5.14
OB CYC E . 28.09 0.92 -7.23
NC CYC E . 37.93 -3.89 0.81
C1C CYC E . 38.30 -4.24 2.04
C2C CYC E . 37.49 -3.52 3.06
C3C CYC E . 36.23 -3.28 2.24
C4C CYC E . 36.76 -3.22 0.81
CMC CYC E . 37.35 -4.19 4.42
CAC CYC E . 35.45 -2.09 2.81
CBC CYC E . 34.25 -2.49 3.64
OC CYC E . 39.13 -5.06 2.39
CHD CYC E . 36.18 -2.46 -0.19
ND CYC E . 35.59 -2.34 -2.54
C1D CYC E . 36.59 -2.44 -1.64
C2D CYC E . 37.92 -2.63 -2.31
C3D CYC E . 37.59 -2.61 -3.75
C4D CYC E . 36.16 -2.37 -3.76
CMD CYC E . 39.32 -2.79 -1.80
CAD CYC E . 38.44 -2.77 -5.00
CBD CYC E . 38.10 -4.13 -5.60
CGD CYC E . 39.00 -4.56 -6.72
O1D CYC E . 39.10 -5.81 -6.85
O2D CYC E . 39.58 -3.71 -7.46
CHA CYC F . -7.99 4.36 -29.11
NA CYC F . -6.52 5.10 -27.27
C1A CYC F . -6.83 4.19 -28.21
C2A CYC F . -5.92 2.99 -28.26
C3A CYC F . -4.96 3.28 -27.20
C4A CYC F . -5.41 4.60 -26.65
CMA CYC F . -3.78 2.40 -26.84
CAA CYC F . -5.94 1.79 -29.17
CBA CYC F . -6.72 0.61 -28.60
CGA CYC F . -8.21 0.84 -28.80
O1A CYC F . -8.96 0.77 -27.79
O2A CYC F . -8.62 1.08 -29.94
CHB CYC F . -4.86 5.33 -25.47
NB CYC F . -4.23 3.31 -24.17
C1B CYC F . -4.35 4.63 -24.25
C2B CYC F . -3.86 5.32 -23.02
C3B CYC F . -3.39 4.24 -22.12
C4B CYC F . -3.67 3.06 -22.97
CMB CYC F . -3.83 6.80 -22.74
CAB CYC F . -2.74 4.36 -20.76
CBB CYC F . -3.07 3.22 -19.82
OB CYC F . -3.42 1.86 -22.59
NC CYC F . -11.60 9.81 -30.01
C1C CYC F . -12.13 10.98 -30.25
C2C CYC F . -11.89 11.90 -29.10
C3C CYC F . -10.97 11.09 -28.21
C4C CYC F . -10.89 9.75 -28.88
CMC CYC F . -11.24 13.19 -29.60
CAC CYC F . -11.48 10.98 -26.77
CBC CYC F . -11.30 12.25 -25.97
OC CYC F . -12.72 11.28 -31.27
CHD CYC F . -10.26 8.67 -28.31
ND CYC F . -9.00 6.59 -28.50
C1D CYC F . -10.07 7.31 -28.93
C2D CYC F . -10.80 6.62 -30.03
C3D CYC F . -10.05 5.39 -30.22
C4D CYC F . -8.98 5.46 -29.22
CMD CYC F . -12.01 6.93 -30.84
CAD CYC F . -10.40 4.28 -31.19
CBD CYC F . -9.62 4.33 -32.50
CGD CYC F . -10.15 3.24 -33.40
O1D CYC F . -10.33 3.50 -34.61
O2D CYC F . -10.39 2.11 -32.90
CHA CYC G . -7.63 19.30 6.60
NA CYC G . -8.09 17.11 5.50
C1A CYC G . -7.79 17.83 6.59
C2A CYC G . -7.71 17.01 7.83
C3A CYC G . -7.99 15.65 7.39
C4A CYC G . -8.21 15.83 5.94
CMA CYC G . -7.96 14.48 8.32
CAA CYC G . -7.44 17.38 9.25
CBA CYC G . -8.78 17.41 9.98
CGA CYC G . -9.75 18.42 9.39
O1A CYC G . -9.48 19.62 9.32
O2A CYC G . -10.85 18.01 9.01
CHB CYC G . -8.60 14.84 4.91
NB CYC G . -9.63 13.04 6.33
C1B CYC G . -9.33 13.57 5.13
C2B CYC G . -9.76 12.68 4.02
C3B CYC G . -10.37 11.49 4.69
C4B CYC G . -10.23 11.85 6.12
CMB CYC G . -9.55 12.96 2.54
CAB CYC G . -10.96 10.23 4.09
CBB CYC G . -9.80 9.26 3.98
OB CYC G . -10.68 11.09 7.06
NC CYC G . -9.09 24.02 2.39
C1C CYC G . -9.56 24.94 1.57
C2C CYC G . -9.54 24.46 0.17
C3C CYC G . -9.33 22.97 0.34
C4C CYC G . -8.91 22.84 1.81
CMC CYC G . -10.78 24.80 -0.61
CAC CYC G . -8.29 22.52 -0.69
CBC CYC G . -8.25 21.05 -1.08
OC CYC G . -10.01 26.01 1.90
CHD CYC G . -8.32 21.72 2.28
ND CYC G . -8.07 20.23 4.25
C1D CYC G . -7.93 21.47 3.69
C2D CYC G . -7.44 22.48 4.64
C3D CYC G . -7.30 21.75 5.88
C4D CYC G . -7.66 20.35 5.54
CMD CYC G . -7.12 23.91 4.49
CAD CYC G . -6.78 22.25 7.19
CBD CYC G . -5.27 21.91 7.11
CGD CYC G . -4.76 20.74 7.94
O1D CYC G . -5.21 20.39 9.07
O2D CYC G . -3.82 20.12 7.44
CHA CYC H . -34.17 -7.59 -7.20
NA CYC H . -31.97 -6.86 -6.36
C1A CYC H . -32.75 -7.79 -6.92
C2A CYC H . -32.10 -9.06 -7.25
C3A CYC H . -30.71 -8.83 -6.84
C4A CYC H . -30.73 -7.44 -6.30
CMA CYC H . -29.57 -9.80 -6.97
CAA CYC H . -32.76 -10.25 -7.93
CBA CYC H . -32.73 -11.56 -7.15
CGA CYC H . -33.45 -11.34 -5.87
O1A CYC H . -32.81 -11.24 -4.80
O2A CYC H . -34.67 -11.24 -5.95
CHB CYC H . -29.67 -6.66 -5.62
NB CYC H . -28.39 -8.52 -4.61
C1B CYC H . -28.63 -7.23 -4.75
C2B CYC H . -27.64 -6.41 -4.05
C3B CYC H . -26.71 -7.37 -3.38
C4B CYC H . -27.32 -8.65 -3.84
CMB CYC H . -27.60 -4.90 -4.02
CAB CYC H . -25.50 -7.10 -2.49
CBB CYC H . -25.30 -8.10 -1.37
OB CYC H . -26.87 -9.80 -3.53
NC CYC H . -37.19 -1.89 -7.59
C1C CYC H . -37.72 -0.70 -7.79
C2C CYC H . -37.11 0.26 -6.79
C3C CYC H . -35.76 -0.41 -6.52
C4C CYC H . -36.09 -1.87 -6.83
CMC CYC H . -37.04 1.74 -7.15
CAC CYC H . -35.21 -0.05 -5.15
CBC CYC H . -34.07 0.94 -5.26
OC CYC H . -38.54 -0.41 -8.65
CHD CYC H . -35.40 -2.92 -6.28
ND CYC H . -34.54 -5.19 -6.64
C1D CYC H . -35.62 -4.37 -6.62
C2D CYC H . -36.86 -5.08 -7.06
C3D CYC H . -36.41 -6.45 -7.33
C4D CYC H . -34.99 -6.39 -6.98
CMD CYC H . -38.31 -4.69 -7.21
CAD CYC H . -37.18 -7.65 -7.80
CBD CYC H . -36.84 -8.06 -9.23
CGD CYC H . -37.56 -9.31 -9.63
O1D CYC H . -37.55 -9.51 -10.85
O2D CYC H . -38.10 -10.08 -8.77
CHA CYC I . 11.04 -28.17 -2.04
NA CYC I . 9.24 -26.72 -1.09
C1A CYC I . 9.82 -27.33 -2.14
C2A CYC I . 9.18 -27.14 -3.47
C3A CYC I . 8.04 -26.26 -3.13
C4A CYC I . 8.18 -26.07 -1.64
CMA CYC I . 7.04 -25.76 -4.15
CAA CYC I . 9.58 -27.64 -4.86
CBA CYC I . 10.38 -26.55 -5.62
CGA CYC I . 11.75 -26.31 -4.99
O1A CYC I . 12.06 -25.18 -4.50
O2A CYC I . 12.53 -27.29 -4.97
CHB CYC I . 7.34 -25.20 -0.75
NB CYC I . 6.86 -23.43 -2.36
C1B CYC I . 6.78 -23.88 -1.12
C2B CYC I . 6.02 -22.96 -0.22
C3B CYC I . 5.60 -21.83 -1.10
C4B CYC I . 6.20 -22.25 -2.38
CMB CYC I . 5.70 -23.08 1.24
CAB CYC I . 4.77 -20.62 -0.75
CBB CYC I . 5.21 -19.37 -1.50
OB CYC I . 6.09 -21.55 -3.46
NC CYC I . 13.89 -30.20 3.63
C1C CYC I . 14.24 -30.69 4.83
C2C CYC I . 13.74 -29.78 5.88
C3C CYC I . 12.85 -28.80 5.12
C4C CYC I . 13.06 -29.17 3.69
CMC CYC I . 13.03 -30.58 6.96
CAC CYC I . 13.27 -27.37 5.41
CBC CYC I . 13.17 -27.00 6.87
OC CYC I . 14.83 -31.73 5.09
CHD CYC I . 12.48 -28.47 2.68
ND CYC I . 11.56 -28.16 0.43
C1D CYC I . 12.54 -28.72 1.19
C2D CYC I . 13.53 -29.48 0.36
C3D CYC I . 13.03 -29.35 -0.98
C4D CYC I . 11.83 -28.52 -0.83
CMD CYC I . 14.76 -30.27 0.65
CAD CYC I . 13.61 -29.93 -2.23
CBD CYC I . 13.20 -31.37 -2.36
CGD CYC I . 13.48 -31.89 -3.73
O1D CYC I . 13.71 -33.13 -3.85
O2D CYC I . 13.44 -31.05 -4.66
CHA CYC J . 5.31 2.16 21.30
NA CYC J . 6.06 1.71 18.96
C1A CYC J . 5.58 2.54 19.90
C2A CYC J . 5.39 3.91 19.43
C3A CYC J . 5.82 3.88 18.02
C4A CYC J . 6.23 2.46 17.85
CMA CYC J . 5.80 5.06 17.07
CAA CYC J . 4.92 5.11 20.20
CBA CYC J . 6.14 5.96 20.57
CGA CYC J . 7.15 5.21 21.42
O1A CYC J . 6.86 4.88 22.58
O2A CYC J . 8.28 4.96 20.97
CHB CYC J . 6.80 1.78 16.67
NB CYC J . 7.72 3.71 15.30
C1B CYC J . 7.56 2.39 15.55
C2B CYC J . 8.13 1.53 14.45
C3B CYC J . 8.71 2.50 13.52
C4B CYC J . 8.41 3.81 14.14
CMB CYC J . 8.16 0.02 14.30
CAB CYC J . 9.41 2.20 12.24
CBB CYC J . 8.33 2.12 11.17
OB CYC J . 8.78 4.91 13.58
NC CYC J . 6.72 -3.00 24.66
C1C CYC J . 7.33 -3.88 25.40
C2C CYC J . 7.43 -5.17 24.62
C3C CYC J . 7.18 -4.72 23.21
C4C CYC J . 6.65 -3.34 23.38
CMC CYC J . 8.73 -5.94 24.83
CAC CYC J . 6.15 -5.67 22.58
CBC CYC J . 6.18 -5.87 21.07
OC CYC J . 7.77 -3.65 26.49
CHD CYC J . 6.06 -2.67 22.34
ND CYC J . 5.83 -0.34 21.51
C1D CYC J . 5.57 -1.28 22.45
C2D CYC J . 4.84 -0.73 23.62
C3D CYC J . 4.69 0.69 23.30
C4D CYC J . 5.35 0.84 22.00
CMD CYC J . 4.33 -1.34 24.89
CAD CYC J . 4.00 1.70 24.15
CBD CYC J . 2.50 1.58 23.83
CGD CYC J . 2.05 2.08 22.45
O1D CYC J . 2.44 3.16 21.96
O2D CYC J . 1.24 1.36 21.85
#